data_1QVU
#
_entry.id   1QVU
#
_cell.length_a   171.800
_cell.length_b   171.800
_cell.length_c   94.590
_cell.angle_alpha   90.00
_cell.angle_beta   90.00
_cell.angle_gamma   90.00
#
_symmetry.space_group_name_H-M   'P 42 21 2'
#
loop_
_entity.id
_entity.type
_entity.pdbx_description
1 polymer 'Transcriptional regulator qacR'
2 non-polymer ETHIDIUM
3 non-polymer PROFLAVIN
#
_entity_poly.entity_id   1
_entity_poly.type   'polypeptide(L)'
_entity_poly.pdbx_seq_one_letter_code
;MNLKDKILGVAKELFIKNGYNATTTGEIVKLSESSKGNLYYHFKTKENLFLEILNIEESKWQEQWKKEQIKCKTNREKFY
LYNELSLTTEYYYPLQNAIIEFYTEYYKTNSINEKMNKLENKYIDAYHVIFKEGNLNGEWSINDVNAVSKIAANAVNGIV
TFTHEQNINERIKLMNKFSQIFLNGLSKHHHHHH
;
_entity_poly.pdbx_strand_id   B,D,A,E
#
loop_
_chem_comp.id
_chem_comp.type
_chem_comp.name
_chem_comp.formula
ET non-polymer ETHIDIUM 'C21 H20 N3 1'
PRL non-polymer PROFLAVIN 'C13 H11 N3'
#
# COMPACT_ATOMS: atom_id res chain seq x y z
N ASN A 2 -7.96 35.06 38.19
CA ASN A 2 -9.44 34.87 38.22
C ASN A 2 -9.78 33.37 38.21
N LEU A 3 -11.02 33.02 38.55
CA LEU A 3 -11.46 31.61 38.58
C LEU A 3 -12.29 31.22 37.35
N LYS A 4 -13.50 31.79 37.25
CA LYS A 4 -14.38 31.53 36.11
C LYS A 4 -13.76 32.04 34.81
N ASP A 5 -12.58 32.64 34.92
CA ASP A 5 -11.88 33.17 33.75
C ASP A 5 -10.54 32.50 33.50
N LYS A 6 -9.84 32.05 34.54
CA LYS A 6 -8.56 31.38 34.27
C LYS A 6 -8.83 30.05 33.62
N ILE A 7 -10.07 29.57 33.81
CA ILE A 7 -10.53 28.31 33.24
C ILE A 7 -10.57 28.50 31.74
N LEU A 8 -11.40 29.47 31.32
CA LEU A 8 -11.55 29.82 29.91
C LEU A 8 -10.17 30.09 29.31
N GLY A 9 -9.27 30.60 30.13
CA GLY A 9 -7.93 30.90 29.65
C GLY A 9 -7.11 29.67 29.33
N VAL A 10 -7.05 28.71 30.25
CA VAL A 10 -6.27 27.52 29.96
C VAL A 10 -7.03 26.79 28.87
N ALA A 11 -8.36 26.85 28.94
CA ALA A 11 -9.21 26.21 27.94
C ALA A 11 -8.79 26.64 26.52
N LYS A 12 -9.12 27.88 26.14
CA LYS A 12 -8.77 28.42 24.83
C LYS A 12 -7.43 27.86 24.35
N GLU A 13 -6.40 27.98 25.18
CA GLU A 13 -5.06 27.50 24.88
C GLU A 13 -4.99 26.02 24.57
N LEU A 14 -5.54 25.21 25.46
CA LEU A 14 -5.53 23.75 25.26
C LEU A 14 -6.18 23.43 23.93
N PHE A 15 -7.37 23.96 23.72
CA PHE A 15 -8.05 23.74 22.46
C PHE A 15 -7.18 24.10 21.26
N ILE A 16 -6.38 25.17 21.37
CA ILE A 16 -5.52 25.56 20.26
C ILE A 16 -4.28 24.66 20.18
N LYS A 17 -3.55 24.57 21.29
CA LYS A 17 -2.32 23.76 21.35
C LYS A 17 -2.52 22.25 21.13
N ASN A 18 -3.77 21.79 21.20
CA ASN A 18 -4.09 20.38 20.99
C ASN A 18 -5.30 20.40 20.08
N GLY A 19 -6.30 19.58 20.39
CA GLY A 19 -7.49 19.57 19.57
C GLY A 19 -8.68 19.68 20.48
N TYR A 20 -9.89 19.68 19.91
CA TYR A 20 -11.11 19.75 20.71
C TYR A 20 -11.20 18.55 21.65
N ASN A 21 -10.80 17.38 21.17
CA ASN A 21 -10.83 16.17 21.98
C ASN A 21 -9.56 15.98 22.77
N ALA A 22 -8.43 16.31 22.13
CA ALA A 22 -7.12 16.21 22.74
C ALA A 22 -7.08 16.85 24.13
N THR A 23 -7.94 17.83 24.36
CA THR A 23 -7.99 18.48 25.66
C THR A 23 -9.28 18.06 26.34
N THR A 24 -9.16 17.35 27.46
CA THR A 24 -10.33 16.91 28.19
C THR A 24 -10.39 17.66 29.51
N THR A 25 -11.58 17.67 30.11
CA THR A 25 -11.81 18.36 31.38
C THR A 25 -10.79 18.01 32.48
N GLY A 26 -10.30 16.77 32.48
CA GLY A 26 -9.33 16.38 33.49
C GLY A 26 -8.18 17.38 33.46
N GLU A 27 -7.80 17.72 32.24
CA GLU A 27 -6.71 18.66 31.95
C GLU A 27 -6.98 20.10 32.40
N ILE A 28 -8.15 20.63 32.02
CA ILE A 28 -8.52 22.00 32.42
C ILE A 28 -8.32 22.14 33.92
N VAL A 29 -8.99 21.27 34.68
CA VAL A 29 -8.94 21.26 36.13
C VAL A 29 -7.56 20.86 36.70
N LYS A 30 -6.57 20.77 35.82
CA LYS A 30 -5.25 20.41 36.28
C LYS A 30 -4.32 21.60 36.10
N LEU A 31 -4.50 22.33 35.00
CA LEU A 31 -3.66 23.49 34.73
C LEU A 31 -4.34 24.79 35.13
N SER A 32 -5.65 24.71 35.38
CA SER A 32 -6.40 25.89 35.77
C SER A 32 -6.72 25.81 37.26
N GLU A 33 -6.59 24.62 37.81
CA GLU A 33 -6.84 24.35 39.24
C GLU A 33 -8.23 24.86 39.67
N SER A 34 -9.16 23.92 39.86
CA SER A 34 -10.51 24.26 40.27
C SER A 34 -11.35 22.99 40.30
N SER A 35 -11.93 22.68 41.46
CA SER A 35 -12.77 21.49 41.61
C SER A 35 -13.63 21.30 40.36
N LYS A 36 -13.77 20.05 39.92
CA LYS A 36 -14.58 19.76 38.75
C LYS A 36 -15.90 20.54 38.76
N GLY A 37 -16.48 20.72 39.94
CA GLY A 37 -17.73 21.43 40.06
C GLY A 37 -17.75 22.83 39.47
N ASN A 38 -16.73 23.64 39.79
CA ASN A 38 -16.64 25.02 39.29
C ASN A 38 -16.98 25.08 37.81
N LEU A 39 -16.44 24.12 37.06
CA LEU A 39 -16.65 24.03 35.62
C LEU A 39 -18.09 23.72 35.28
N TYR A 40 -19.01 23.89 36.23
CA TYR A 40 -20.40 23.56 35.95
C TYR A 40 -21.41 24.72 35.99
N TYR A 41 -20.97 25.92 36.39
CA TYR A 41 -21.86 27.09 36.46
C TYR A 41 -22.10 27.70 35.08
N HIS A 42 -21.20 28.58 34.64
CA HIS A 42 -21.38 29.19 33.33
C HIS A 42 -21.19 28.15 32.21
N PHE A 43 -20.47 27.07 32.52
CA PHE A 43 -20.20 25.99 31.56
C PHE A 43 -21.04 24.74 31.87
N LYS A 44 -22.17 24.56 31.20
CA LYS A 44 -23.00 23.38 31.46
C LYS A 44 -22.49 22.09 30.80
N THR A 45 -21.35 22.18 30.10
CA THR A 45 -20.75 21.04 29.40
C THR A 45 -19.40 21.42 28.73
N LYS A 46 -18.69 20.45 28.16
CA LYS A 46 -17.42 20.74 27.48
C LYS A 46 -17.74 21.55 26.24
N GLU A 47 -18.86 21.21 25.61
CA GLU A 47 -19.31 21.90 24.41
C GLU A 47 -19.78 23.32 24.75
N ASN A 48 -19.91 23.60 26.04
CA ASN A 48 -20.35 24.91 26.49
C ASN A 48 -19.06 25.70 26.76
N LEU A 49 -18.13 25.07 27.47
CA LEU A 49 -16.85 25.70 27.76
C LEU A 49 -16.21 26.14 26.45
N PHE A 50 -16.36 25.29 25.42
CA PHE A 50 -15.79 25.56 24.11
C PHE A 50 -16.68 26.54 23.34
N LEU A 51 -17.95 26.22 23.18
CA LEU A 51 -18.86 27.13 22.47
C LEU A 51 -18.88 28.52 23.15
N GLU A 52 -18.29 28.59 24.35
CA GLU A 52 -18.18 29.80 25.15
C GLU A 52 -17.04 30.67 24.58
N ILE A 53 -15.84 30.10 24.66
CA ILE A 53 -14.59 30.69 24.16
C ILE A 53 -14.78 31.22 22.73
N LEU A 54 -15.53 30.47 21.92
CA LEU A 54 -15.79 30.89 20.56
C LEU A 54 -16.42 32.27 20.50
N ASN A 55 -17.34 32.51 21.43
CA ASN A 55 -18.02 33.80 21.52
C ASN A 55 -17.04 34.90 21.95
N ILE A 56 -16.25 34.63 22.99
CA ILE A 56 -15.25 35.59 23.47
C ILE A 56 -14.40 36.00 22.28
N GLU A 57 -13.72 35.00 21.72
CA GLU A 57 -12.85 35.12 20.56
C GLU A 57 -13.53 35.86 19.44
N GLU A 58 -14.66 35.35 18.94
CA GLU A 58 -15.34 36.02 17.85
C GLU A 58 -15.47 37.51 18.20
N SER A 59 -15.71 37.80 19.48
CA SER A 59 -15.85 39.18 19.91
C SER A 59 -14.53 39.93 19.97
N LYS A 60 -13.56 39.45 20.75
CA LYS A 60 -12.28 40.10 20.80
C LYS A 60 -11.78 40.53 19.40
N TRP A 61 -12.07 39.72 18.39
CA TRP A 61 -11.65 39.96 17.00
C TRP A 61 -12.49 41.01 16.32
N GLN A 62 -13.81 40.84 16.41
CA GLN A 62 -14.77 41.78 15.82
C GLN A 62 -14.54 43.19 16.37
N GLU A 63 -13.96 43.24 17.56
CA GLU A 63 -13.67 44.50 18.20
C GLU A 63 -12.33 45.05 17.71
N GLN A 64 -11.32 44.19 17.66
CA GLN A 64 -10.00 44.56 17.17
C GLN A 64 -10.17 45.09 15.76
N TRP A 65 -11.12 44.54 15.03
CA TRP A 65 -11.40 44.96 13.66
C TRP A 65 -12.01 46.35 13.61
N LYS A 66 -12.95 46.64 14.51
CA LYS A 66 -13.58 47.96 14.56
C LYS A 66 -12.47 48.99 14.87
N LYS A 67 -11.62 48.65 15.83
CA LYS A 67 -10.49 49.50 16.22
C LYS A 67 -9.32 49.45 15.22
N GLU A 68 -9.54 48.95 14.00
CA GLU A 68 -8.45 48.92 13.04
C GLU A 68 -8.99 49.15 11.66
N GLN A 69 -10.30 49.27 11.54
CA GLN A 69 -10.89 49.45 10.22
C GLN A 69 -10.96 50.88 9.72
N ILE A 70 -10.52 51.81 10.56
CA ILE A 70 -10.54 53.20 10.15
C ILE A 70 -9.41 53.42 9.16
N LYS A 71 -8.36 52.59 9.26
CA LYS A 71 -7.27 52.70 8.32
C LYS A 71 -7.81 52.46 6.89
N CYS A 72 -9.10 52.15 6.78
CA CYS A 72 -9.69 51.91 5.44
C CYS A 72 -10.74 52.93 5.12
N LYS A 73 -10.38 53.83 4.21
CA LYS A 73 -11.25 54.91 3.80
C LYS A 73 -12.50 54.45 3.03
N THR A 74 -12.34 53.51 2.10
CA THR A 74 -13.48 52.99 1.35
C THR A 74 -13.78 51.54 1.78
N ASN A 75 -14.96 51.03 1.43
CA ASN A 75 -15.31 49.66 1.78
C ASN A 75 -14.49 48.69 0.93
N ARG A 76 -14.26 49.04 -0.34
CA ARG A 76 -13.45 48.19 -1.18
C ARG A 76 -12.11 47.98 -0.47
N GLU A 77 -11.69 48.96 0.34
CA GLU A 77 -10.46 48.87 1.08
C GLU A 77 -10.72 48.08 2.37
N LYS A 78 -11.88 48.24 2.97
CA LYS A 78 -12.18 47.49 4.17
C LYS A 78 -12.21 45.99 3.86
N PHE A 79 -12.74 45.63 2.69
CA PHE A 79 -12.78 44.23 2.28
C PHE A 79 -11.35 43.70 2.33
N TYR A 80 -10.42 44.24 1.51
CA TYR A 80 -9.00 43.80 1.54
C TYR A 80 -8.38 43.72 2.95
N LEU A 81 -8.62 44.74 3.75
CA LEU A 81 -8.07 44.86 5.09
C LEU A 81 -8.53 43.77 6.02
N TYR A 82 -9.86 43.58 6.10
CA TYR A 82 -10.45 42.55 6.97
C TYR A 82 -9.82 41.20 6.66
N ASN A 83 -9.79 40.84 5.37
CA ASN A 83 -9.21 39.58 4.89
C ASN A 83 -7.74 39.45 5.27
N GLU A 84 -6.95 40.50 5.04
CA GLU A 84 -5.52 40.52 5.38
C GLU A 84 -5.29 40.40 6.92
N LEU A 85 -6.08 41.12 7.73
CA LEU A 85 -5.97 41.04 9.19
C LEU A 85 -6.28 39.61 9.66
N SER A 86 -7.24 38.97 8.99
CA SER A 86 -7.68 37.59 9.26
C SER A 86 -6.50 36.66 9.39
N LEU A 87 -5.46 36.94 8.59
CA LEU A 87 -4.25 36.14 8.58
C LEU A 87 -3.34 36.31 9.75
N THR A 88 -3.49 37.39 10.50
CA THR A 88 -2.55 37.60 11.58
C THR A 88 -3.03 37.79 13.00
N THR A 89 -4.34 37.96 13.21
CA THR A 89 -4.90 38.11 14.57
C THR A 89 -4.42 36.97 15.46
N GLU A 90 -4.81 37.04 16.73
CA GLU A 90 -4.48 36.01 17.69
C GLU A 90 -5.86 35.56 18.12
N TYR A 91 -6.85 36.09 17.44
CA TYR A 91 -8.24 35.82 17.77
C TYR A 91 -9.03 34.96 16.82
N TYR A 92 -9.86 34.11 17.39
CA TYR A 92 -10.76 33.24 16.65
C TYR A 92 -10.16 32.32 15.61
N TYR A 93 -9.66 32.89 14.51
CA TYR A 93 -9.08 32.10 13.44
C TYR A 93 -8.08 31.02 13.80
N PRO A 94 -7.43 31.11 14.98
CA PRO A 94 -6.45 30.10 15.42
C PRO A 94 -7.15 28.88 16.04
N LEU A 95 -8.47 28.91 16.09
CA LEU A 95 -9.23 27.80 16.66
C LEU A 95 -10.06 27.18 15.58
N GLN A 96 -9.79 27.53 14.31
CA GLN A 96 -10.55 26.96 13.20
C GLN A 96 -10.38 25.47 13.17
N ASN A 97 -9.16 24.99 13.40
CA ASN A 97 -8.97 23.55 13.42
C ASN A 97 -9.84 22.94 14.49
N ALA A 98 -9.70 23.42 15.72
CA ALA A 98 -10.49 22.91 16.85
C ALA A 98 -11.98 22.94 16.58
N ILE A 99 -12.42 23.88 15.76
CA ILE A 99 -13.84 23.95 15.43
C ILE A 99 -14.22 22.86 14.43
N ILE A 100 -13.40 22.67 13.39
CA ILE A 100 -13.64 21.64 12.36
C ILE A 100 -13.87 20.33 13.12
N GLU A 101 -12.89 20.00 13.95
CA GLU A 101 -12.90 18.81 14.77
C GLU A 101 -14.23 18.79 15.49
N PHE A 102 -14.40 19.69 16.45
CA PHE A 102 -15.63 19.76 17.24
C PHE A 102 -16.95 19.64 16.46
N TYR A 103 -17.02 20.21 15.27
CA TYR A 103 -18.26 20.13 14.51
C TYR A 103 -18.47 18.77 13.86
N THR A 104 -17.46 17.91 13.96
CA THR A 104 -17.55 16.58 13.40
C THR A 104 -17.84 15.56 14.49
N GLU A 105 -17.96 16.03 15.74
CA GLU A 105 -18.21 15.13 16.87
C GLU A 105 -19.37 15.56 17.75
N TYR A 106 -20.17 16.48 17.25
CA TYR A 106 -21.33 16.92 17.98
C TYR A 106 -22.37 17.41 17.02
N TYR A 107 -22.03 17.50 15.73
CA TYR A 107 -22.99 17.96 14.73
C TYR A 107 -24.25 17.09 14.77
N LYS A 108 -24.15 15.94 15.43
CA LYS A 108 -25.27 15.01 15.57
C LYS A 108 -26.23 15.52 16.64
N THR A 109 -25.70 16.03 17.76
CA THR A 109 -26.56 16.57 18.81
C THR A 109 -27.36 17.74 18.23
N ASN A 110 -28.45 18.12 18.90
CA ASN A 110 -29.31 19.18 18.38
C ASN A 110 -28.82 20.60 18.57
N SER A 111 -28.45 20.96 19.79
CA SER A 111 -27.98 22.31 20.08
C SER A 111 -26.72 22.72 19.31
N ILE A 112 -26.26 21.85 18.42
CA ILE A 112 -25.05 22.06 17.59
C ILE A 112 -25.29 23.06 16.46
N ASN A 113 -26.40 22.86 15.77
CA ASN A 113 -26.78 23.70 14.65
C ASN A 113 -27.55 24.94 15.15
N GLU A 114 -27.65 25.09 16.48
CA GLU A 114 -28.34 26.22 17.10
C GLU A 114 -27.40 27.37 17.50
N LYS A 115 -26.45 27.09 18.40
CA LYS A 115 -25.49 28.12 18.83
C LYS A 115 -24.72 28.58 17.59
N MET A 116 -24.53 27.63 16.67
CA MET A 116 -23.84 27.86 15.39
C MET A 116 -24.72 28.77 14.50
N ASN A 117 -25.58 29.60 15.13
CA ASN A 117 -26.46 30.53 14.41
C ASN A 117 -26.17 31.95 14.90
N LYS A 118 -26.25 32.15 16.21
CA LYS A 118 -25.99 33.47 16.77
C LYS A 118 -24.51 33.77 16.55
N LEU A 119 -23.71 32.72 16.45
CA LEU A 119 -22.28 32.88 16.22
C LEU A 119 -22.05 33.09 14.75
N GLU A 120 -22.68 32.30 13.89
CA GLU A 120 -22.48 32.44 12.45
C GLU A 120 -22.90 33.82 11.97
N ASN A 121 -23.71 34.51 12.77
CA ASN A 121 -24.15 35.83 12.36
C ASN A 121 -23.09 36.87 12.70
N LYS A 122 -22.33 36.65 13.77
CA LYS A 122 -21.27 37.59 14.12
C LYS A 122 -20.18 37.51 13.01
N TYR A 123 -19.79 36.26 12.72
CA TYR A 123 -18.80 35.87 11.70
C TYR A 123 -19.00 36.49 10.31
N ILE A 124 -20.21 36.46 9.78
CA ILE A 124 -20.39 37.02 8.46
C ILE A 124 -20.86 38.44 8.52
N ASP A 125 -21.01 38.94 9.74
CA ASP A 125 -21.46 40.30 9.92
C ASP A 125 -20.50 41.22 9.19
N ALA A 126 -19.25 41.22 9.63
CA ALA A 126 -18.22 42.06 9.05
C ALA A 126 -18.44 42.25 7.55
N TYR A 127 -18.58 41.15 6.80
CA TYR A 127 -18.77 41.29 5.36
C TYR A 127 -20.11 41.89 5.04
N HIS A 128 -21.10 41.56 5.85
CA HIS A 128 -22.43 42.05 5.63
C HIS A 128 -22.42 43.56 5.64
N VAL A 129 -21.86 44.14 6.70
CA VAL A 129 -21.74 45.59 6.85
C VAL A 129 -21.02 46.15 5.59
N ILE A 130 -19.83 45.62 5.32
CA ILE A 130 -19.03 46.02 4.17
C ILE A 130 -19.77 45.95 2.82
N PHE A 131 -20.47 44.85 2.55
CA PHE A 131 -21.16 44.74 1.27
C PHE A 131 -22.42 45.58 1.24
N LYS A 132 -23.14 45.66 2.37
CA LYS A 132 -24.36 46.46 2.41
C LYS A 132 -24.00 47.97 2.28
N GLU A 133 -23.18 48.45 3.22
CA GLU A 133 -22.72 49.83 3.24
C GLU A 133 -22.09 50.18 1.90
N GLY A 134 -21.76 49.15 1.12
CA GLY A 134 -21.15 49.35 -0.18
C GLY A 134 -22.15 49.57 -1.28
N ASN A 135 -23.41 49.20 -1.03
CA ASN A 135 -24.47 49.41 -2.02
C ASN A 135 -24.93 50.84 -1.82
N LEU A 136 -24.95 51.26 -0.56
CA LEU A 136 -25.32 52.61 -0.16
C LEU A 136 -24.22 53.56 -0.62
N ASN A 137 -23.09 53.00 -1.04
CA ASN A 137 -21.96 53.80 -1.48
C ASN A 137 -21.55 53.51 -2.92
N GLY A 138 -22.50 52.96 -3.68
CA GLY A 138 -22.29 52.65 -5.08
C GLY A 138 -21.05 51.88 -5.48
N GLU A 139 -20.17 51.56 -4.53
CA GLU A 139 -18.96 50.83 -4.85
C GLU A 139 -19.31 49.63 -5.74
N TRP A 140 -20.34 48.90 -5.35
CA TRP A 140 -20.80 47.74 -6.12
C TRP A 140 -22.30 47.59 -5.93
N SER A 141 -22.89 46.68 -6.68
CA SER A 141 -24.31 46.43 -6.59
C SER A 141 -24.48 44.95 -6.36
N ILE A 142 -24.90 44.58 -5.15
CA ILE A 142 -25.09 43.17 -4.82
C ILE A 142 -26.49 42.92 -4.30
N ASN A 143 -27.29 42.21 -5.08
CA ASN A 143 -28.67 41.88 -4.70
C ASN A 143 -28.73 40.95 -3.49
N ASP A 144 -28.07 39.81 -3.61
CA ASP A 144 -28.00 38.77 -2.57
C ASP A 144 -26.84 38.95 -1.57
N VAL A 145 -26.94 39.96 -0.72
CA VAL A 145 -25.87 40.24 0.22
C VAL A 145 -25.51 39.11 1.15
N ASN A 146 -26.53 38.46 1.72
CA ASN A 146 -26.28 37.36 2.65
C ASN A 146 -25.53 36.18 2.06
N ALA A 147 -25.80 35.94 0.77
CA ALA A 147 -25.14 34.90 0.02
C ALA A 147 -23.66 35.29 0.05
N VAL A 148 -23.35 36.38 -0.67
CA VAL A 148 -21.97 36.87 -0.74
C VAL A 148 -21.26 36.96 0.62
N SER A 149 -21.93 37.45 1.67
CA SER A 149 -21.21 37.55 2.94
C SER A 149 -20.74 36.18 3.36
N LYS A 150 -21.68 35.23 3.29
CA LYS A 150 -21.42 33.85 3.65
C LYS A 150 -20.30 33.26 2.78
N ILE A 151 -20.42 33.44 1.47
CA ILE A 151 -19.40 32.92 0.59
C ILE A 151 -18.02 33.44 0.99
N ALA A 152 -17.88 34.77 0.94
CA ALA A 152 -16.65 35.49 1.28
C ALA A 152 -16.13 35.09 2.64
N ALA A 153 -17.00 35.01 3.63
CA ALA A 153 -16.53 34.63 4.96
C ALA A 153 -15.92 33.26 4.93
N ASN A 154 -16.53 32.32 4.22
CA ASN A 154 -15.97 30.98 4.21
C ASN A 154 -14.76 30.82 3.31
N ALA A 155 -14.80 31.38 2.12
CA ALA A 155 -13.65 31.35 1.23
C ALA A 155 -12.41 31.85 1.99
N VAL A 156 -12.57 33.02 2.61
CA VAL A 156 -11.48 33.61 3.35
C VAL A 156 -10.95 32.73 4.46
N ASN A 157 -11.87 32.18 5.26
CA ASN A 157 -11.47 31.31 6.35
C ASN A 157 -10.67 30.10 5.78
N GLY A 158 -11.02 29.71 4.55
CA GLY A 158 -10.35 28.61 3.90
C GLY A 158 -8.92 29.02 3.62
N ILE A 159 -8.78 30.13 2.90
CA ILE A 159 -7.45 30.63 2.56
C ILE A 159 -6.64 30.80 3.82
N VAL A 160 -7.25 31.30 4.89
CA VAL A 160 -6.53 31.50 6.14
C VAL A 160 -6.09 30.20 6.76
N THR A 161 -7.06 29.28 6.92
CA THR A 161 -6.83 28.01 7.57
C THR A 161 -5.97 26.93 6.89
N PHE A 162 -6.24 26.64 5.61
CA PHE A 162 -5.52 25.60 4.84
C PHE A 162 -4.25 26.01 4.11
N THR A 163 -3.57 27.05 4.60
CA THR A 163 -2.33 27.52 4.02
C THR A 163 -1.42 27.96 5.16
N HIS A 164 -1.86 27.68 6.39
CA HIS A 164 -1.11 28.06 7.60
C HIS A 164 0.18 27.26 7.74
N GLU A 165 0.89 27.10 6.64
CA GLU A 165 2.14 26.34 6.63
C GLU A 165 3.20 27.05 5.77
N GLN A 166 2.74 27.83 4.78
CA GLN A 166 3.67 28.57 3.92
C GLN A 166 3.93 29.95 4.53
N ASN A 167 5.13 30.49 4.28
CA ASN A 167 5.55 31.79 4.83
C ASN A 167 4.48 32.91 4.83
N ILE A 168 4.34 33.59 5.96
CA ILE A 168 3.33 34.63 6.11
C ILE A 168 3.24 35.62 4.96
N ASN A 169 4.34 35.90 4.27
CA ASN A 169 4.30 36.87 3.17
C ASN A 169 3.64 36.40 1.89
N GLU A 170 3.67 35.10 1.65
CA GLU A 170 3.05 34.51 0.48
C GLU A 170 1.54 34.47 0.78
N ARG A 171 1.19 34.14 2.04
CA ARG A 171 -0.18 34.05 2.54
C ARG A 171 -0.94 35.35 2.31
N ILE A 172 -0.31 36.45 2.68
CA ILE A 172 -0.90 37.75 2.51
C ILE A 172 -0.89 38.12 1.03
N LYS A 173 0.06 37.59 0.28
CA LYS A 173 0.15 37.91 -1.15
C LYS A 173 -1.09 37.31 -1.84
N LEU A 174 -1.33 36.01 -1.61
CA LEU A 174 -2.47 35.27 -2.20
C LEU A 174 -3.82 35.89 -1.78
N MET A 175 -3.97 36.10 -0.47
CA MET A 175 -5.18 36.68 0.07
C MET A 175 -5.59 37.98 -0.62
N ASN A 176 -4.60 38.75 -1.07
CA ASN A 176 -4.92 40.00 -1.74
C ASN A 176 -5.39 39.75 -3.15
N LYS A 177 -4.74 38.81 -3.82
CA LYS A 177 -5.12 38.46 -5.19
C LYS A 177 -6.60 37.99 -5.12
N PHE A 178 -6.93 37.23 -4.07
CA PHE A 178 -8.28 36.76 -3.88
C PHE A 178 -9.23 37.95 -3.74
N SER A 179 -9.06 38.75 -2.69
CA SER A 179 -9.92 39.92 -2.42
C SER A 179 -10.11 40.71 -3.69
N GLN A 180 -9.02 40.76 -4.45
CA GLN A 180 -8.99 41.44 -5.72
C GLN A 180 -9.96 40.73 -6.64
N ILE A 181 -9.67 39.48 -7.01
CA ILE A 181 -10.57 38.71 -7.88
C ILE A 181 -12.05 38.74 -7.41
N PHE A 182 -12.29 38.56 -6.11
CA PHE A 182 -13.65 38.56 -5.61
C PHE A 182 -14.37 39.82 -5.99
N LEU A 183 -13.92 40.94 -5.41
CA LEU A 183 -14.52 42.25 -5.71
C LEU A 183 -14.65 42.49 -7.21
N ASN A 184 -13.65 42.08 -7.99
CA ASN A 184 -13.77 42.31 -9.42
C ASN A 184 -14.94 41.50 -10.02
N GLY A 185 -15.39 40.49 -9.27
CA GLY A 185 -16.49 39.65 -9.70
C GLY A 185 -17.87 40.24 -9.39
N LEU A 186 -17.95 41.09 -8.37
CA LEU A 186 -19.19 41.73 -8.01
C LEU A 186 -19.63 42.84 -8.98
N SER A 187 -18.68 43.48 -9.67
CA SER A 187 -19.02 44.57 -10.62
C SER A 187 -19.22 44.16 -12.10
N ASN B 2 33.34 -16.15 -30.14
CA ASN B 2 32.58 -14.88 -30.34
C ASN B 2 32.69 -14.00 -29.10
N LEU B 3 31.92 -12.91 -29.08
CA LEU B 3 31.89 -11.95 -27.97
C LEU B 3 30.45 -11.88 -27.43
N LYS B 4 29.49 -12.26 -28.28
CA LYS B 4 28.07 -12.28 -27.93
C LYS B 4 27.68 -13.64 -27.38
N ASP B 5 28.60 -14.60 -27.51
CA ASP B 5 28.35 -15.93 -27.01
C ASP B 5 29.11 -16.10 -25.72
N LYS B 6 30.25 -15.42 -25.64
CA LYS B 6 31.09 -15.42 -24.44
C LYS B 6 30.18 -14.83 -23.36
N ILE B 7 29.59 -13.67 -23.68
CA ILE B 7 28.68 -12.99 -22.77
C ILE B 7 27.49 -13.87 -22.38
N LEU B 8 26.83 -14.51 -23.34
CA LEU B 8 25.70 -15.37 -22.98
C LEU B 8 26.15 -16.50 -22.08
N GLY B 9 27.32 -17.06 -22.34
CA GLY B 9 27.82 -18.16 -21.52
C GLY B 9 28.25 -17.76 -20.13
N VAL B 10 29.06 -16.71 -20.02
CA VAL B 10 29.51 -16.23 -18.72
C VAL B 10 28.29 -15.86 -17.89
N ALA B 11 27.40 -15.09 -18.49
CA ALA B 11 26.21 -14.65 -17.81
C ALA B 11 25.31 -15.79 -17.36
N LYS B 12 25.14 -16.80 -18.22
CA LYS B 12 24.29 -17.94 -17.89
C LYS B 12 24.80 -18.56 -16.64
N GLU B 13 26.11 -18.68 -16.59
CA GLU B 13 26.77 -19.28 -15.45
C GLU B 13 26.63 -18.40 -14.21
N LEU B 14 26.68 -17.09 -14.37
CA LEU B 14 26.54 -16.19 -13.22
C LEU B 14 25.09 -16.23 -12.70
N PHE B 15 24.11 -16.16 -13.60
CA PHE B 15 22.73 -16.26 -13.16
C PHE B 15 22.50 -17.53 -12.33
N ILE B 16 23.20 -18.61 -12.66
CA ILE B 16 23.07 -19.86 -11.91
C ILE B 16 23.83 -19.82 -10.57
N LYS B 17 24.98 -19.17 -10.55
CA LYS B 17 25.76 -19.10 -9.34
C LYS B 17 25.13 -18.14 -8.36
N ASN B 18 24.75 -16.95 -8.80
CA ASN B 18 24.19 -15.91 -7.91
C ASN B 18 22.72 -15.50 -8.06
N GLY B 19 22.01 -16.17 -8.95
CA GLY B 19 20.62 -15.81 -9.14
C GLY B 19 20.54 -14.52 -9.92
N TYR B 20 19.33 -14.11 -10.30
CA TYR B 20 19.14 -12.92 -11.09
C TYR B 20 19.56 -11.60 -10.45
N ASN B 21 18.99 -11.28 -9.30
CA ASN B 21 19.30 -10.03 -8.62
C ASN B 21 20.77 -9.73 -8.30
N ALA B 22 21.59 -10.74 -8.08
CA ALA B 22 22.99 -10.50 -7.75
C ALA B 22 23.91 -10.37 -8.99
N THR B 23 23.47 -10.87 -10.12
CA THR B 23 24.27 -10.80 -11.32
C THR B 23 23.98 -9.47 -11.96
N THR B 24 25.02 -8.68 -12.16
CA THR B 24 24.81 -7.41 -12.83
C THR B 24 25.55 -7.35 -14.14
N THR B 25 25.08 -6.47 -15.01
CA THR B 25 25.68 -6.27 -16.31
C THR B 25 27.17 -6.00 -16.06
N GLY B 26 27.45 -5.26 -14.99
CA GLY B 26 28.82 -4.94 -14.66
C GLY B 26 29.71 -6.16 -14.56
N GLU B 27 29.34 -7.07 -13.65
CA GLU B 27 30.09 -8.30 -13.42
C GLU B 27 30.04 -9.19 -14.66
N ILE B 28 28.89 -9.23 -15.32
CA ILE B 28 28.71 -10.04 -16.52
C ILE B 28 29.74 -9.64 -17.56
N VAL B 29 29.82 -8.33 -17.78
CA VAL B 29 30.73 -7.73 -18.74
C VAL B 29 32.23 -7.91 -18.46
N LYS B 30 32.71 -7.36 -17.35
CA LYS B 30 34.13 -7.48 -17.03
C LYS B 30 34.59 -8.91 -16.85
N LEU B 31 33.66 -9.87 -16.82
CA LEU B 31 34.02 -11.28 -16.65
C LEU B 31 34.03 -11.98 -18.02
N SER B 32 33.49 -11.29 -19.02
CA SER B 32 33.44 -11.79 -20.39
C SER B 32 34.18 -10.79 -21.31
N GLU B 33 34.92 -9.86 -20.68
CA GLU B 33 35.71 -8.81 -21.35
C GLU B 33 34.97 -8.07 -22.44
N SER B 34 34.22 -7.07 -22.03
CA SER B 34 33.43 -6.30 -22.97
C SER B 34 33.03 -4.99 -22.30
N SER B 35 31.96 -4.38 -22.78
CA SER B 35 31.49 -3.11 -22.25
C SER B 35 29.98 -3.12 -22.20
N LYS B 36 29.40 -2.36 -21.28
CA LYS B 36 27.95 -2.29 -21.15
C LYS B 36 27.29 -1.86 -22.47
N GLY B 37 27.99 -1.08 -23.28
CA GLY B 37 27.45 -0.63 -24.55
C GLY B 37 27.32 -1.83 -25.47
N ASN B 38 28.34 -2.67 -25.45
CA ASN B 38 28.35 -3.88 -26.26
C ASN B 38 27.09 -4.71 -25.91
N LEU B 39 27.01 -5.15 -24.65
CA LEU B 39 25.88 -5.96 -24.15
C LEU B 39 24.56 -5.34 -24.59
N TYR B 40 24.51 -4.01 -24.62
CA TYR B 40 23.32 -3.29 -25.05
C TYR B 40 23.11 -3.49 -26.55
N TYR B 41 24.21 -3.34 -27.30
CA TYR B 41 24.18 -3.52 -28.75
C TYR B 41 23.61 -4.89 -29.09
N HIS B 42 24.06 -5.90 -28.35
CA HIS B 42 23.62 -7.28 -28.57
C HIS B 42 22.34 -7.75 -27.91
N PHE B 43 22.09 -7.27 -26.70
CA PHE B 43 20.91 -7.72 -25.97
C PHE B 43 19.93 -6.62 -25.58
N LYS B 44 20.44 -5.40 -25.42
CA LYS B 44 19.65 -4.25 -25.02
C LYS B 44 19.62 -4.18 -23.49
N THR B 45 18.54 -4.69 -22.87
CA THR B 45 18.42 -4.67 -21.40
C THR B 45 18.85 -6.01 -20.78
N LYS B 46 19.44 -5.98 -19.58
CA LYS B 46 19.87 -7.21 -18.92
C LYS B 46 18.70 -8.20 -18.81
N GLU B 47 17.52 -7.68 -18.54
CA GLU B 47 16.33 -8.53 -18.40
C GLU B 47 16.04 -9.22 -19.70
N ASN B 48 16.69 -8.78 -20.75
CA ASN B 48 16.44 -9.40 -22.03
C ASN B 48 17.47 -10.48 -22.28
N LEU B 49 18.67 -10.23 -21.78
CA LEU B 49 19.79 -11.16 -21.86
C LEU B 49 19.33 -12.47 -21.18
N PHE B 50 18.67 -12.31 -20.05
CA PHE B 50 18.16 -13.43 -19.30
C PHE B 50 17.03 -14.14 -20.06
N LEU B 51 16.14 -13.39 -20.69
CA LEU B 51 15.06 -13.99 -21.46
C LEU B 51 15.63 -14.81 -22.66
N GLU B 52 16.76 -14.37 -23.18
CA GLU B 52 17.39 -15.09 -24.28
C GLU B 52 18.00 -16.36 -23.68
N ILE B 53 18.85 -16.21 -22.67
CA ILE B 53 19.45 -17.36 -21.99
C ILE B 53 18.32 -18.35 -21.74
N LEU B 54 17.18 -17.81 -21.36
CA LEU B 54 16.01 -18.61 -21.03
C LEU B 54 15.38 -19.36 -22.16
N ASN B 55 15.42 -18.81 -23.36
CA ASN B 55 14.84 -19.55 -24.49
C ASN B 55 15.87 -20.54 -24.98
N ILE B 56 17.14 -20.16 -24.93
CA ILE B 56 18.22 -21.03 -25.34
C ILE B 56 18.26 -22.33 -24.50
N GLU B 57 18.18 -22.18 -23.18
CA GLU B 57 18.22 -23.33 -22.27
C GLU B 57 17.00 -24.12 -22.60
N GLU B 58 15.86 -23.43 -22.62
CA GLU B 58 14.58 -24.05 -22.92
C GLU B 58 14.52 -24.91 -24.16
N SER B 59 15.28 -24.54 -25.17
CA SER B 59 15.25 -25.32 -26.39
C SER B 59 16.14 -26.56 -26.30
N LYS B 60 17.37 -26.38 -25.83
CA LYS B 60 18.27 -27.52 -25.71
C LYS B 60 17.71 -28.59 -24.77
N TRP B 61 16.77 -28.21 -23.89
CA TRP B 61 16.14 -29.16 -22.98
C TRP B 61 14.93 -29.81 -23.64
N GLN B 62 14.33 -29.13 -24.60
CA GLN B 62 13.18 -29.72 -25.28
C GLN B 62 13.74 -30.58 -26.41
N GLU B 63 14.94 -30.25 -26.86
CA GLU B 63 15.59 -31.01 -27.90
C GLU B 63 16.17 -32.28 -27.27
N GLN B 64 17.01 -32.11 -26.25
CA GLN B 64 17.61 -33.23 -25.56
C GLN B 64 16.57 -34.26 -25.17
N TRP B 65 15.32 -33.84 -24.93
CA TRP B 65 14.26 -34.77 -24.54
C TRP B 65 13.66 -35.52 -25.71
N LYS B 66 13.36 -34.82 -26.80
CA LYS B 66 12.80 -35.48 -27.98
C LYS B 66 13.71 -36.66 -28.40
N LYS B 67 15.03 -36.42 -28.34
CA LYS B 67 16.01 -37.41 -28.70
C LYS B 67 15.95 -38.63 -27.77
N GLU B 68 16.09 -38.39 -26.47
CA GLU B 68 16.07 -39.47 -25.50
C GLU B 68 14.70 -39.89 -25.05
N GLN B 69 13.66 -39.58 -25.81
CA GLN B 69 12.32 -39.96 -25.37
C GLN B 69 11.86 -41.27 -25.96
N ILE B 70 12.60 -41.69 -26.97
CA ILE B 70 12.36 -42.93 -27.69
C ILE B 70 12.61 -44.17 -26.83
N LYS B 71 13.66 -44.14 -26.01
CA LYS B 71 13.98 -45.27 -25.15
C LYS B 71 12.85 -45.65 -24.17
N CYS B 72 11.66 -45.09 -24.40
CA CYS B 72 10.50 -45.37 -23.54
C CYS B 72 9.31 -45.74 -24.43
N LYS B 73 8.91 -47.00 -24.38
CA LYS B 73 7.79 -47.45 -25.21
C LYS B 73 6.49 -46.75 -24.85
N THR B 74 5.96 -47.02 -23.66
CA THR B 74 4.70 -46.41 -23.23
C THR B 74 4.85 -44.98 -22.71
N ASN B 75 3.72 -44.34 -22.40
CA ASN B 75 3.76 -42.98 -21.88
C ASN B 75 4.01 -43.01 -20.38
N ARG B 76 3.66 -44.13 -19.74
CA ARG B 76 3.89 -44.28 -18.33
C ARG B 76 5.41 -44.27 -18.15
N GLU B 77 6.12 -44.69 -19.19
CA GLU B 77 7.58 -44.72 -19.14
C GLU B 77 8.14 -43.34 -19.45
N LYS B 78 7.55 -42.67 -20.42
CA LYS B 78 7.99 -41.32 -20.75
C LYS B 78 7.82 -40.45 -19.50
N PHE B 79 6.71 -40.64 -18.77
CA PHE B 79 6.48 -39.86 -17.57
C PHE B 79 7.67 -40.09 -16.66
N TYR B 80 7.85 -41.34 -16.23
CA TYR B 80 8.98 -41.73 -15.37
C TYR B 80 10.33 -41.22 -15.91
N LEU B 81 10.55 -41.30 -17.23
CA LEU B 81 11.81 -40.88 -17.77
C LEU B 81 12.04 -39.37 -17.72
N TYR B 82 11.02 -38.59 -18.07
CA TYR B 82 11.15 -37.13 -18.06
C TYR B 82 11.56 -36.68 -16.66
N ASN B 83 10.76 -37.07 -15.66
CA ASN B 83 11.05 -36.72 -14.28
C ASN B 83 12.46 -37.03 -13.87
N GLU B 84 13.00 -38.17 -14.34
CA GLU B 84 14.36 -38.58 -14.00
C GLU B 84 15.38 -37.77 -14.76
N LEU B 85 15.18 -37.58 -16.05
CA LEU B 85 16.12 -36.77 -16.79
C LEU B 85 16.19 -35.36 -16.21
N SER B 86 15.06 -34.85 -15.72
CA SER B 86 15.03 -33.51 -15.14
C SER B 86 16.09 -33.26 -14.09
N LEU B 87 16.37 -34.27 -13.30
CA LEU B 87 17.35 -34.21 -12.22
C LEU B 87 18.79 -34.15 -12.66
N THR B 88 19.04 -34.67 -13.85
CA THR B 88 20.42 -34.75 -14.28
C THR B 88 20.78 -33.94 -15.49
N THR B 89 19.78 -33.41 -16.19
CA THR B 89 20.04 -32.60 -17.36
C THR B 89 20.91 -31.37 -17.03
N GLU B 90 21.69 -30.91 -18.00
CA GLU B 90 22.52 -29.75 -17.74
C GLU B 90 21.72 -28.53 -18.16
N TYR B 91 20.50 -28.74 -18.63
CA TYR B 91 19.67 -27.65 -19.13
C TYR B 91 18.43 -27.19 -18.37
N TYR B 92 18.21 -25.88 -18.39
CA TYR B 92 17.04 -25.30 -17.78
C TYR B 92 16.82 -25.41 -16.25
N TYR B 93 16.56 -26.61 -15.73
CA TYR B 93 16.30 -26.73 -14.29
C TYR B 93 17.33 -26.06 -13.36
N PRO B 94 18.56 -25.81 -13.85
CA PRO B 94 19.56 -25.17 -12.98
C PRO B 94 19.31 -23.68 -12.84
N LEU B 95 18.52 -23.11 -13.74
CA LEU B 95 18.26 -21.69 -13.64
C LEU B 95 17.02 -21.39 -12.80
N GLN B 96 16.27 -22.44 -12.45
CA GLN B 96 15.04 -22.28 -11.67
C GLN B 96 15.09 -21.22 -10.57
N ASN B 97 16.12 -21.22 -9.76
CA ASN B 97 16.19 -20.22 -8.72
C ASN B 97 16.21 -18.81 -9.31
N ALA B 98 16.96 -18.61 -10.38
CA ALA B 98 17.01 -17.29 -11.01
C ALA B 98 15.70 -17.01 -11.75
N ILE B 99 15.06 -18.01 -12.34
CA ILE B 99 13.80 -17.77 -13.02
C ILE B 99 12.79 -17.33 -11.98
N ILE B 100 12.96 -17.75 -10.74
CA ILE B 100 12.00 -17.35 -9.72
C ILE B 100 12.12 -15.84 -9.45
N GLU B 101 13.32 -15.40 -9.08
CA GLU B 101 13.59 -13.97 -8.83
C GLU B 101 13.08 -13.13 -9.98
N PHE B 102 13.61 -13.41 -11.16
CA PHE B 102 13.23 -12.69 -12.37
C PHE B 102 11.74 -12.68 -12.60
N TYR B 103 10.99 -13.59 -12.01
CA TYR B 103 9.57 -13.56 -12.29
C TYR B 103 8.89 -12.64 -11.33
N THR B 104 9.25 -12.73 -10.07
CA THR B 104 8.59 -11.87 -9.10
C THR B 104 8.82 -10.42 -9.46
N GLU B 105 9.96 -10.14 -10.06
CA GLU B 105 10.29 -8.77 -10.41
C GLU B 105 9.59 -8.22 -11.64
N TYR B 106 9.47 -8.99 -12.72
CA TYR B 106 8.80 -8.46 -13.93
C TYR B 106 7.42 -9.05 -14.31
N TYR B 107 6.71 -9.68 -13.39
CA TYR B 107 5.41 -10.24 -13.77
C TYR B 107 4.46 -9.05 -13.92
N LYS B 108 4.92 -7.93 -13.34
CA LYS B 108 4.22 -6.66 -13.33
C LYS B 108 3.99 -6.19 -14.76
N THR B 109 4.89 -5.33 -15.23
CA THR B 109 4.80 -4.79 -16.59
C THR B 109 4.39 -5.90 -17.57
N ASN B 110 3.30 -5.65 -18.28
CA ASN B 110 2.78 -6.62 -19.23
C ASN B 110 3.64 -6.92 -20.44
N SER B 111 4.64 -6.08 -20.69
CA SER B 111 5.52 -6.27 -21.83
C SER B 111 6.34 -7.56 -21.78
N ILE B 112 6.73 -7.93 -20.56
CA ILE B 112 7.55 -9.11 -20.37
C ILE B 112 6.72 -10.34 -20.02
N ASN B 113 5.64 -10.15 -19.27
CA ASN B 113 4.79 -11.26 -18.85
C ASN B 113 4.29 -12.12 -20.01
N GLU B 114 4.35 -11.57 -21.23
CA GLU B 114 3.90 -12.29 -22.42
C GLU B 114 4.98 -13.26 -22.86
N LYS B 115 6.21 -12.77 -22.88
CA LYS B 115 7.36 -13.57 -23.26
C LYS B 115 7.65 -14.67 -22.23
N MET B 116 7.37 -14.36 -20.96
CA MET B 116 7.58 -15.28 -19.84
C MET B 116 6.55 -16.39 -19.71
N ASN B 117 5.37 -16.15 -20.25
CA ASN B 117 4.31 -17.16 -20.21
C ASN B 117 4.33 -17.88 -21.53
N LYS B 118 5.09 -17.34 -22.48
CA LYS B 118 5.24 -17.98 -23.79
C LYS B 118 6.09 -19.22 -23.54
N LEU B 119 7.26 -18.95 -22.97
CA LEU B 119 8.21 -20.00 -22.65
C LEU B 119 7.57 -20.97 -21.66
N GLU B 120 6.96 -20.45 -20.61
CA GLU B 120 6.33 -21.29 -19.60
C GLU B 120 5.34 -22.33 -20.10
N ASN B 121 4.86 -22.16 -21.32
CA ASN B 121 3.91 -23.13 -21.87
C ASN B 121 4.65 -24.25 -22.59
N LYS B 122 5.86 -23.96 -23.07
CA LYS B 122 6.63 -25.01 -23.73
C LYS B 122 6.95 -26.04 -22.64
N TYR B 123 7.58 -25.55 -21.56
CA TYR B 123 7.98 -26.36 -20.42
C TYR B 123 6.91 -27.27 -19.79
N ILE B 124 5.66 -26.84 -19.83
CA ILE B 124 4.64 -27.68 -19.26
C ILE B 124 4.02 -28.55 -20.34
N ASP B 125 4.34 -28.24 -21.59
CA ASP B 125 3.80 -29.00 -22.72
C ASP B 125 4.19 -30.46 -22.77
N ALA B 126 5.45 -30.74 -22.43
CA ALA B 126 5.97 -32.10 -22.41
C ALA B 126 5.06 -33.03 -21.64
N TYR B 127 4.46 -32.51 -20.58
CA TYR B 127 3.54 -33.30 -19.77
C TYR B 127 2.18 -33.37 -20.45
N HIS B 128 1.81 -32.29 -21.14
CA HIS B 128 0.55 -32.21 -21.85
C HIS B 128 0.56 -33.30 -22.91
N VAL B 129 1.68 -33.40 -23.63
CA VAL B 129 1.88 -34.40 -24.68
C VAL B 129 1.73 -35.77 -24.05
N ILE B 130 2.66 -36.11 -23.18
CA ILE B 130 2.65 -37.38 -22.47
C ILE B 130 1.24 -37.73 -21.96
N PHE B 131 0.58 -36.78 -21.29
CA PHE B 131 -0.74 -37.04 -20.73
C PHE B 131 -1.83 -37.16 -21.80
N LYS B 132 -1.68 -36.46 -22.92
CA LYS B 132 -2.68 -36.52 -23.99
C LYS B 132 -2.71 -37.95 -24.57
N GLU B 133 -1.55 -38.39 -25.07
CA GLU B 133 -1.37 -39.73 -25.66
C GLU B 133 -1.80 -40.81 -24.70
N GLY B 134 -1.42 -40.67 -23.45
CA GLY B 134 -1.81 -41.67 -22.49
C GLY B 134 -3.29 -41.89 -22.58
N ASN B 135 -4.06 -40.81 -22.78
CA ASN B 135 -5.50 -40.93 -22.89
C ASN B 135 -5.85 -41.59 -24.23
N LEU B 136 -5.23 -41.14 -25.31
CA LEU B 136 -5.46 -41.70 -26.65
C LEU B 136 -4.70 -43.02 -26.81
N ASN B 137 -4.34 -43.62 -25.69
CA ASN B 137 -3.59 -44.88 -25.67
C ASN B 137 -4.15 -45.64 -24.50
N GLY B 138 -5.22 -45.12 -23.93
CA GLY B 138 -5.85 -45.77 -22.79
C GLY B 138 -4.92 -46.14 -21.66
N GLU B 139 -3.88 -45.33 -21.42
CA GLU B 139 -2.92 -45.59 -20.34
C GLU B 139 -3.45 -45.11 -18.99
N TRP B 140 -4.38 -44.16 -19.05
CA TRP B 140 -5.02 -43.56 -17.88
C TRP B 140 -6.20 -42.79 -18.42
N SER B 141 -7.08 -42.34 -17.52
CA SER B 141 -8.26 -41.56 -17.88
C SER B 141 -8.10 -40.21 -17.19
N ILE B 142 -7.68 -39.19 -17.93
CA ILE B 142 -7.50 -37.90 -17.30
C ILE B 142 -8.36 -36.84 -17.94
N ASN B 143 -9.25 -36.26 -17.13
CA ASN B 143 -10.16 -35.21 -17.61
C ASN B 143 -9.46 -33.94 -18.05
N ASP B 144 -8.99 -33.15 -17.08
CA ASP B 144 -8.28 -31.93 -17.44
C ASP B 144 -6.81 -32.25 -17.43
N VAL B 145 -6.28 -32.43 -18.63
CA VAL B 145 -4.88 -32.73 -18.85
C VAL B 145 -4.07 -31.51 -18.44
N ASN B 146 -4.62 -30.32 -18.70
CA ASN B 146 -3.96 -29.07 -18.33
C ASN B 146 -3.74 -28.97 -16.81
N ALA B 147 -4.74 -29.40 -16.03
CA ALA B 147 -4.61 -29.36 -14.58
C ALA B 147 -3.52 -30.32 -14.12
N VAL B 148 -3.49 -31.51 -14.70
CA VAL B 148 -2.48 -32.48 -14.33
C VAL B 148 -1.11 -32.05 -14.84
N SER B 149 -1.05 -31.57 -16.08
CA SER B 149 0.23 -31.12 -16.62
C SER B 149 0.92 -30.10 -15.72
N LYS B 150 0.15 -29.16 -15.19
CA LYS B 150 0.68 -28.12 -14.33
C LYS B 150 1.07 -28.73 -13.00
N ILE B 151 0.12 -29.42 -12.37
CA ILE B 151 0.39 -30.05 -11.09
C ILE B 151 1.69 -30.85 -11.19
N ALA B 152 1.73 -31.69 -12.22
CA ALA B 152 2.88 -32.52 -12.52
C ALA B 152 4.15 -31.69 -12.65
N ALA B 153 4.17 -30.81 -13.65
CA ALA B 153 5.32 -29.94 -13.91
C ALA B 153 5.89 -29.21 -12.71
N ASN B 154 5.02 -28.56 -11.93
CA ASN B 154 5.50 -27.80 -10.77
C ASN B 154 5.91 -28.70 -9.63
N ALA B 155 5.22 -29.83 -9.51
CA ALA B 155 5.52 -30.81 -8.47
C ALA B 155 6.94 -31.35 -8.63
N VAL B 156 7.25 -31.78 -9.85
CA VAL B 156 8.56 -32.32 -10.21
C VAL B 156 9.63 -31.23 -10.10
N ASN B 157 9.34 -30.07 -10.66
CA ASN B 157 10.27 -28.94 -10.66
C ASN B 157 10.65 -28.66 -9.21
N GLY B 158 9.69 -28.86 -8.31
CA GLY B 158 9.93 -28.67 -6.89
C GLY B 158 10.88 -29.73 -6.35
N ILE B 159 10.61 -31.02 -6.62
CA ILE B 159 11.47 -32.13 -6.20
C ILE B 159 12.84 -31.93 -6.78
N VAL B 160 12.90 -31.51 -8.04
CA VAL B 160 14.19 -31.25 -8.70
C VAL B 160 15.01 -30.16 -8.01
N THR B 161 14.37 -29.04 -7.65
CA THR B 161 15.09 -27.90 -7.06
C THR B 161 15.23 -27.82 -5.54
N PHE B 162 14.29 -28.34 -4.77
CA PHE B 162 14.43 -28.23 -3.32
C PHE B 162 15.20 -29.36 -2.63
N THR B 163 15.85 -30.22 -3.43
CA THR B 163 16.67 -31.35 -2.93
C THR B 163 18.05 -31.39 -3.63
N HIS B 164 18.42 -30.28 -4.30
CA HIS B 164 19.71 -30.14 -5.00
C HIS B 164 20.89 -30.39 -4.08
N GLU B 165 20.63 -30.43 -2.78
CA GLU B 165 21.68 -30.61 -1.80
C GLU B 165 22.25 -32.03 -1.63
N GLN B 166 21.36 -33.03 -1.65
CA GLN B 166 21.75 -34.42 -1.42
C GLN B 166 22.25 -35.27 -2.58
N ASN B 167 22.59 -36.52 -2.24
CA ASN B 167 23.09 -37.58 -3.14
C ASN B 167 22.23 -37.72 -4.41
N ILE B 168 22.84 -37.50 -5.57
CA ILE B 168 22.13 -37.59 -6.85
C ILE B 168 21.43 -38.94 -7.03
N ASN B 169 21.81 -39.92 -6.20
CA ASN B 169 21.20 -41.25 -6.26
C ASN B 169 19.90 -41.26 -5.49
N GLU B 170 19.91 -40.75 -4.26
CA GLU B 170 18.69 -40.70 -3.47
C GLU B 170 17.70 -39.78 -4.21
N ARG B 171 18.23 -38.74 -4.83
CA ARG B 171 17.43 -37.81 -5.60
C ARG B 171 16.68 -38.55 -6.71
N ILE B 172 17.38 -39.39 -7.49
CA ILE B 172 16.71 -40.13 -8.55
C ILE B 172 15.73 -41.16 -7.98
N LYS B 173 16.01 -41.59 -6.75
CA LYS B 173 15.21 -42.61 -6.07
C LYS B 173 13.83 -42.08 -5.67
N LEU B 174 13.83 -40.96 -4.96
CA LEU B 174 12.60 -40.32 -4.52
C LEU B 174 11.81 -39.87 -5.74
N MET B 175 12.52 -39.42 -6.77
CA MET B 175 11.85 -38.95 -7.98
C MET B 175 11.03 -40.04 -8.63
N ASN B 176 11.40 -41.29 -8.37
CA ASN B 176 10.70 -42.40 -8.94
C ASN B 176 9.56 -42.83 -8.07
N LYS B 177 9.77 -42.84 -6.76
CA LYS B 177 8.68 -43.24 -5.87
C LYS B 177 7.54 -42.25 -6.16
N PHE B 178 7.94 -40.98 -6.43
CA PHE B 178 7.02 -39.89 -6.76
C PHE B 178 6.29 -40.22 -8.05
N SER B 179 7.04 -40.31 -9.16
CA SER B 179 6.45 -40.62 -10.47
C SER B 179 5.47 -41.79 -10.34
N GLN B 180 5.83 -42.79 -9.55
CA GLN B 180 4.99 -43.96 -9.36
C GLN B 180 3.68 -43.55 -8.66
N ILE B 181 3.80 -43.16 -7.39
CA ILE B 181 2.68 -42.73 -6.58
C ILE B 181 1.76 -41.84 -7.42
N PHE B 182 2.38 -40.89 -8.15
CA PHE B 182 1.62 -39.97 -8.97
C PHE B 182 0.82 -40.71 -10.00
N LEU B 183 1.49 -41.45 -10.89
CA LEU B 183 0.78 -42.19 -11.92
C LEU B 183 -0.29 -43.09 -11.33
N ASN B 184 -0.05 -43.64 -10.13
CA ASN B 184 -1.06 -44.52 -9.58
C ASN B 184 -2.34 -43.79 -9.32
N GLY B 185 -2.26 -42.68 -8.61
CA GLY B 185 -3.45 -41.90 -8.31
C GLY B 185 -4.20 -41.35 -9.52
N LEU B 186 -3.89 -41.75 -10.75
CA LEU B 186 -4.62 -41.21 -11.90
C LEU B 186 -5.83 -41.98 -12.49
N SER B 187 -6.35 -43.01 -11.83
CA SER B 187 -7.53 -43.74 -12.36
C SER B 187 -8.19 -44.76 -11.41
N ASN C 2 1.05 -7.19 -3.04
CA ASN C 2 -0.33 -7.56 -2.63
C ASN C 2 -0.56 -7.67 -1.13
N LEU C 3 0.40 -8.19 -0.39
CA LEU C 3 0.22 -8.24 1.05
C LEU C 3 0.26 -6.75 1.48
N LYS C 4 0.94 -5.95 0.66
CA LYS C 4 1.03 -4.52 0.91
C LYS C 4 -0.36 -3.95 0.67
N ASP C 5 -0.94 -4.36 -0.45
CA ASP C 5 -2.27 -3.91 -0.84
C ASP C 5 -3.37 -4.36 0.11
N LYS C 6 -3.22 -5.55 0.69
CA LYS C 6 -4.20 -6.07 1.64
C LYS C 6 -4.15 -5.20 2.90
N ILE C 7 -2.94 -4.79 3.28
CA ILE C 7 -2.78 -3.91 4.44
C ILE C 7 -3.45 -2.53 4.22
N LEU C 8 -3.24 -1.94 3.04
CA LEU C 8 -3.88 -0.65 2.73
C LEU C 8 -5.39 -0.82 2.80
N GLY C 9 -5.91 -1.84 2.13
CA GLY C 9 -7.34 -2.12 2.19
C GLY C 9 -7.91 -2.28 3.60
N VAL C 10 -7.34 -3.20 4.38
CA VAL C 10 -7.83 -3.41 5.73
C VAL C 10 -7.73 -2.12 6.56
N ALA C 11 -6.59 -1.44 6.44
CA ALA C 11 -6.33 -0.23 7.20
C ALA C 11 -7.34 0.85 6.85
N LYS C 12 -7.67 0.99 5.57
CA LYS C 12 -8.66 2.00 5.18
C LYS C 12 -9.97 1.76 5.96
N GLU C 13 -10.48 0.53 5.86
CA GLU C 13 -11.68 0.14 6.56
C GLU C 13 -11.59 0.39 8.05
N LEU C 14 -10.51 -0.01 8.67
CA LEU C 14 -10.38 0.23 10.09
C LEU C 14 -10.50 1.72 10.43
N PHE C 15 -9.69 2.54 9.75
CA PHE C 15 -9.69 4.01 9.92
C PHE C 15 -11.10 4.56 9.77
N ILE C 16 -11.81 4.10 8.73
CA ILE C 16 -13.17 4.53 8.49
C ILE C 16 -14.15 4.13 9.59
N LYS C 17 -14.01 2.92 10.15
CA LYS C 17 -14.92 2.48 11.18
C LYS C 17 -14.57 3.01 12.55
N ASN C 18 -13.29 2.89 12.93
CA ASN C 18 -12.87 3.32 14.26
C ASN C 18 -12.16 4.65 14.29
N GLY C 19 -11.81 5.19 13.13
CA GLY C 19 -11.12 6.47 13.13
C GLY C 19 -9.60 6.34 13.20
N TYR C 20 -8.90 7.44 12.92
CA TYR C 20 -7.44 7.41 12.95
C TYR C 20 -6.80 7.03 14.30
N ASN C 21 -7.26 7.65 15.36
CA ASN C 21 -6.72 7.43 16.69
C ASN C 21 -6.93 6.05 17.24
N ALA C 22 -8.12 5.51 17.03
CA ALA C 22 -8.48 4.20 17.56
C ALA C 22 -7.85 3.00 16.86
N THR C 23 -7.58 3.11 15.57
CA THR C 23 -6.97 2.02 14.83
C THR C 23 -5.52 1.80 15.24
N THR C 24 -5.19 0.63 15.77
CA THR C 24 -3.83 0.33 16.19
C THR C 24 -3.16 -0.44 15.08
N THR C 25 -1.84 -0.54 15.10
CA THR C 25 -1.19 -1.28 14.03
C THR C 25 -1.35 -2.76 14.31
N GLY C 26 -1.65 -3.10 15.56
CA GLY C 26 -1.86 -4.49 15.93
C GLY C 26 -3.03 -5.05 15.14
N GLU C 27 -4.15 -4.32 15.17
CA GLU C 27 -5.36 -4.69 14.45
C GLU C 27 -5.02 -4.86 12.97
N ILE C 28 -4.40 -3.84 12.40
CA ILE C 28 -4.05 -3.84 10.99
C ILE C 28 -3.21 -5.05 10.66
N VAL C 29 -2.28 -5.35 11.55
CA VAL C 29 -1.40 -6.48 11.31
C VAL C 29 -2.17 -7.78 11.32
N LYS C 30 -3.02 -7.97 12.32
CA LYS C 30 -3.78 -9.20 12.45
C LYS C 30 -4.84 -9.39 11.38
N LEU C 31 -5.67 -8.38 11.14
CA LEU C 31 -6.74 -8.51 10.14
C LEU C 31 -6.27 -8.66 8.69
N SER C 32 -5.02 -8.33 8.40
CA SER C 32 -4.52 -8.43 7.02
C SER C 32 -3.58 -9.59 6.91
N GLU C 33 -3.43 -10.32 8.03
CA GLU C 33 -2.57 -11.51 8.10
C GLU C 33 -1.17 -11.21 7.64
N SER C 34 -0.53 -10.30 8.36
CA SER C 34 0.82 -9.84 8.08
C SER C 34 1.59 -9.79 9.40
N SER C 35 2.52 -8.87 9.57
CA SER C 35 3.29 -8.82 10.83
C SER C 35 3.83 -7.42 11.09
N LYS C 36 4.13 -7.11 12.34
CA LYS C 36 4.65 -5.79 12.68
C LYS C 36 5.85 -5.51 11.76
N GLY C 37 6.61 -6.55 11.46
CA GLY C 37 7.77 -6.39 10.60
C GLY C 37 7.42 -5.99 9.18
N ASN C 38 6.46 -6.68 8.58
CA ASN C 38 6.14 -6.31 7.23
C ASN C 38 5.56 -4.90 7.15
N LEU C 39 4.75 -4.57 8.14
CA LEU C 39 4.13 -3.27 8.16
C LEU C 39 5.23 -2.23 8.29
N TYR C 40 6.16 -2.45 9.23
CA TYR C 40 7.28 -1.52 9.44
C TYR C 40 8.08 -1.29 8.18
N TYR C 41 8.34 -2.38 7.47
CA TYR C 41 9.08 -2.34 6.23
C TYR C 41 8.35 -1.57 5.11
N HIS C 42 7.04 -1.69 5.03
CA HIS C 42 6.34 -1.01 3.96
C HIS C 42 5.97 0.42 4.28
N PHE C 43 5.78 0.75 5.55
CA PHE C 43 5.32 2.08 5.92
C PHE C 43 6.01 2.76 7.09
N LYS C 44 6.70 2.00 7.93
CA LYS C 44 7.39 2.58 9.07
C LYS C 44 6.48 3.04 10.19
N THR C 45 5.45 3.82 9.89
CA THR C 45 4.56 4.29 10.94
C THR C 45 3.11 4.34 10.53
N LYS C 46 2.24 4.55 11.51
CA LYS C 46 0.81 4.65 11.24
C LYS C 46 0.61 5.90 10.42
N GLU C 47 1.31 6.98 10.78
CA GLU C 47 1.22 8.26 10.08
C GLU C 47 1.57 8.09 8.63
N ASN C 48 2.53 7.22 8.36
CA ASN C 48 2.90 7.01 6.99
C ASN C 48 1.92 6.14 6.27
N LEU C 49 1.47 5.10 6.97
CA LEU C 49 0.47 4.21 6.45
C LEU C 49 -0.70 5.07 5.99
N PHE C 50 -1.22 5.89 6.90
CA PHE C 50 -2.36 6.74 6.59
C PHE C 50 -2.14 7.66 5.38
N LEU C 51 -0.95 8.27 5.30
CA LEU C 51 -0.63 9.15 4.17
C LEU C 51 -0.60 8.39 2.85
N GLU C 52 -0.21 7.12 2.90
CA GLU C 52 -0.16 6.26 1.74
C GLU C 52 -1.62 5.97 1.31
N ILE C 53 -2.50 5.66 2.29
CA ILE C 53 -3.92 5.43 1.97
C ILE C 53 -4.34 6.70 1.20
N LEU C 54 -4.10 7.85 1.83
CA LEU C 54 -4.46 9.19 1.29
C LEU C 54 -3.97 9.43 -0.15
N ASN C 55 -2.73 9.04 -0.40
CA ASN C 55 -2.15 9.14 -1.72
C ASN C 55 -2.98 8.31 -2.70
N ILE C 56 -3.26 7.07 -2.31
CA ILE C 56 -4.05 6.21 -3.16
C ILE C 56 -5.43 6.81 -3.40
N GLU C 57 -6.02 7.41 -2.38
CA GLU C 57 -7.34 7.99 -2.54
C GLU C 57 -7.29 9.15 -3.55
N GLU C 58 -6.26 10.00 -3.44
CA GLU C 58 -6.12 11.11 -4.38
C GLU C 58 -6.16 10.59 -5.80
N SER C 59 -5.40 9.52 -6.04
CA SER C 59 -5.35 8.95 -7.37
C SER C 59 -6.70 8.49 -7.89
N LYS C 60 -7.40 7.69 -7.10
CA LYS C 60 -8.69 7.26 -7.54
C LYS C 60 -9.48 8.54 -7.86
N TRP C 61 -9.38 9.56 -7.01
CA TRP C 61 -10.12 10.80 -7.27
C TRP C 61 -9.66 11.49 -8.56
N GLN C 62 -8.37 11.47 -8.88
CA GLN C 62 -7.90 12.07 -10.13
C GLN C 62 -8.55 11.33 -11.30
N GLU C 63 -8.44 10.00 -11.28
CA GLU C 63 -9.03 9.17 -12.32
C GLU C 63 -10.52 9.42 -12.47
N GLN C 64 -11.22 9.49 -11.34
CA GLN C 64 -12.63 9.74 -11.37
C GLN C 64 -12.89 11.05 -12.12
N TRP C 65 -12.11 12.09 -11.80
CA TRP C 65 -12.25 13.42 -12.42
C TRP C 65 -11.98 13.38 -13.91
N LYS C 66 -10.98 12.60 -14.30
CA LYS C 66 -10.62 12.48 -15.71
C LYS C 66 -11.81 12.00 -16.56
N LYS C 67 -12.68 11.19 -15.96
CA LYS C 67 -13.82 10.67 -16.67
C LYS C 67 -14.96 11.63 -16.61
N GLU C 68 -15.20 12.16 -15.43
CA GLU C 68 -16.30 13.07 -15.19
C GLU C 68 -16.24 14.37 -15.95
N GLN C 69 -15.05 14.91 -16.13
CA GLN C 69 -14.91 16.19 -16.81
C GLN C 69 -15.35 16.21 -18.27
N ILE C 70 -15.39 15.04 -18.89
CA ILE C 70 -15.82 14.92 -20.28
C ILE C 70 -17.21 15.56 -20.41
N LYS C 71 -17.96 15.49 -19.32
CA LYS C 71 -19.28 16.09 -19.30
C LYS C 71 -19.12 17.61 -19.54
N CYS C 72 -18.00 18.19 -19.09
CA CYS C 72 -17.75 19.63 -19.23
C CYS C 72 -16.91 19.97 -20.44
N LYS C 73 -17.56 20.52 -21.48
CA LYS C 73 -16.90 20.90 -22.72
C LYS C 73 -15.82 21.96 -22.45
N THR C 74 -16.26 23.16 -22.05
CA THR C 74 -15.37 24.28 -21.77
C THR C 74 -14.80 24.27 -20.34
N ASN C 75 -13.64 24.91 -20.14
CA ASN C 75 -13.02 24.99 -18.83
C ASN C 75 -13.82 25.78 -17.82
N ARG C 76 -14.62 26.73 -18.31
CA ARG C 76 -15.42 27.51 -17.39
C ARG C 76 -16.30 26.47 -16.68
N GLU C 77 -16.84 25.56 -17.49
CA GLU C 77 -17.70 24.50 -17.00
C GLU C 77 -16.93 23.56 -16.08
N LYS C 78 -15.76 23.09 -16.49
CA LYS C 78 -14.99 22.22 -15.60
C LYS C 78 -14.77 22.93 -14.24
N PHE C 79 -14.63 24.24 -14.26
CA PHE C 79 -14.41 24.92 -12.99
C PHE C 79 -15.65 24.77 -12.10
N TYR C 80 -16.82 25.14 -12.63
CA TYR C 80 -18.07 25.00 -11.89
C TYR C 80 -18.24 23.56 -11.40
N LEU C 81 -18.13 22.64 -12.35
CA LEU C 81 -18.27 21.22 -12.11
C LEU C 81 -17.41 20.75 -10.98
N TYR C 82 -16.11 20.85 -11.18
CA TYR C 82 -15.16 20.43 -10.18
C TYR C 82 -15.49 20.98 -8.77
N ASN C 83 -15.96 22.22 -8.68
CA ASN C 83 -16.25 22.74 -7.34
C ASN C 83 -17.43 22.08 -6.76
N GLU C 84 -18.43 21.81 -7.60
CA GLU C 84 -19.62 21.12 -7.14
C GLU C 84 -19.23 19.69 -6.69
N LEU C 85 -18.37 19.02 -7.44
CA LEU C 85 -17.96 17.69 -7.05
C LEU C 85 -17.30 17.65 -5.68
N SER C 86 -16.40 18.57 -5.42
CA SER C 86 -15.70 18.59 -4.13
C SER C 86 -16.71 18.77 -3.00
N LEU C 87 -17.75 19.55 -3.27
CA LEU C 87 -18.77 19.85 -2.29
C LEU C 87 -19.57 18.63 -1.97
N THR C 88 -20.22 18.11 -2.98
CA THR C 88 -21.07 16.93 -2.81
C THR C 88 -20.29 15.69 -2.42
N THR C 89 -19.20 15.38 -3.10
CA THR C 89 -18.52 14.17 -2.70
C THR C 89 -18.04 14.14 -1.25
N GLU C 90 -17.63 15.25 -0.64
CA GLU C 90 -17.14 15.13 0.75
C GLU C 90 -18.32 14.85 1.66
N TYR C 91 -19.51 15.26 1.24
CA TYR C 91 -20.71 15.03 2.03
C TYR C 91 -20.86 13.60 2.48
N TYR C 92 -20.56 12.67 1.58
CA TYR C 92 -20.65 11.27 1.92
C TYR C 92 -19.33 10.53 1.73
N TYR C 93 -18.22 11.16 2.12
CA TYR C 93 -16.90 10.55 1.99
C TYR C 93 -16.55 10.00 3.37
N PRO C 94 -16.55 8.68 3.52
CA PRO C 94 -16.23 8.07 4.81
C PRO C 94 -14.90 8.39 5.44
N LEU C 95 -13.82 8.38 4.66
CA LEU C 95 -12.50 8.67 5.25
C LEU C 95 -12.42 10.09 5.82
N GLN C 96 -13.27 10.99 5.32
CA GLN C 96 -13.29 12.38 5.75
C GLN C 96 -13.08 12.61 7.23
N ASN C 97 -13.71 11.79 8.05
CA ASN C 97 -13.57 11.96 9.49
C ASN C 97 -12.19 11.56 10.01
N ALA C 98 -11.66 10.44 9.51
CA ALA C 98 -10.35 10.01 9.91
C ALA C 98 -9.34 11.05 9.45
N ILE C 99 -9.63 11.67 8.31
CA ILE C 99 -8.78 12.72 7.75
C ILE C 99 -8.71 13.91 8.67
N ILE C 100 -9.88 14.47 9.02
CA ILE C 100 -9.97 15.62 9.94
C ILE C 100 -9.16 15.25 11.16
N GLU C 101 -9.59 14.19 11.82
CA GLU C 101 -8.94 13.67 13.01
C GLU C 101 -7.40 13.62 12.87
N PHE C 102 -6.90 13.26 11.68
CA PHE C 102 -5.47 13.16 11.40
C PHE C 102 -4.77 14.49 11.17
N TYR C 103 -5.27 15.28 10.22
CA TYR C 103 -4.66 16.57 9.92
C TYR C 103 -4.55 17.42 11.15
N THR C 104 -5.67 17.66 11.80
CA THR C 104 -5.67 18.46 13.02
C THR C 104 -5.01 17.64 14.11
N GLU C 105 -3.78 17.20 13.87
CA GLU C 105 -3.07 16.39 14.84
C GLU C 105 -1.69 16.10 14.31
N TYR C 106 -1.42 16.58 13.11
CA TYR C 106 -0.12 16.39 12.50
C TYR C 106 0.31 17.55 11.62
N TYR C 107 -0.20 18.74 11.93
CA TYR C 107 0.19 19.89 11.13
C TYR C 107 1.34 20.67 11.79
N LYS C 108 1.89 20.13 12.87
CA LYS C 108 3.03 20.76 13.54
C LYS C 108 4.29 20.05 13.07
N THR C 109 4.21 18.73 13.01
CA THR C 109 5.33 17.88 12.58
C THR C 109 5.73 18.19 11.14
N ASN C 110 7.03 18.10 10.82
CA ASN C 110 7.49 18.37 9.45
C ASN C 110 7.46 17.12 8.58
N SER C 111 7.48 15.96 9.23
CA SER C 111 7.43 14.67 8.54
C SER C 111 6.05 14.59 7.85
N ILE C 112 5.01 14.82 8.66
CA ILE C 112 3.64 14.80 8.18
C ILE C 112 3.28 16.12 7.48
N ASN C 113 4.05 17.18 7.71
CA ASN C 113 3.78 18.48 7.06
C ASN C 113 4.40 18.59 5.65
N GLU C 114 5.39 17.76 5.36
CA GLU C 114 6.05 17.76 4.05
C GLU C 114 5.27 16.91 3.03
N LYS C 115 5.09 15.62 3.33
CA LYS C 115 4.36 14.72 2.45
C LYS C 115 2.90 15.17 2.32
N MET C 116 2.36 15.79 3.36
CA MET C 116 0.99 16.27 3.31
C MET C 116 0.84 17.34 2.27
N ASN C 117 1.96 17.90 1.84
CA ASN C 117 1.90 18.97 0.86
C ASN C 117 2.13 18.51 -0.54
N LYS C 118 2.89 17.44 -0.73
CA LYS C 118 3.09 16.94 -2.09
C LYS C 118 1.73 16.35 -2.50
N LEU C 119 0.89 16.15 -1.50
CA LEU C 119 -0.44 15.61 -1.68
C LEU C 119 -1.43 16.70 -2.05
N GLU C 120 -1.39 17.80 -1.29
CA GLU C 120 -2.27 18.94 -1.54
C GLU C 120 -1.97 19.50 -2.92
N ASN C 121 -0.70 19.41 -3.31
CA ASN C 121 -0.27 19.90 -4.60
C ASN C 121 -1.03 19.18 -5.68
N LYS C 122 -1.32 17.90 -5.47
CA LYS C 122 -2.07 17.15 -6.48
C LYS C 122 -3.50 17.68 -6.60
N TYR C 123 -4.10 18.08 -5.49
CA TYR C 123 -5.46 18.63 -5.54
C TYR C 123 -5.37 19.94 -6.33
N ILE C 124 -4.43 20.78 -5.94
CA ILE C 124 -4.27 22.05 -6.62
C ILE C 124 -4.03 21.94 -8.14
N ASP C 125 -3.33 20.90 -8.56
CA ASP C 125 -3.05 20.73 -9.99
C ASP C 125 -4.29 20.68 -10.84
N ALA C 126 -5.36 20.08 -10.35
CA ALA C 126 -6.58 20.04 -11.16
C ALA C 126 -6.97 21.45 -11.62
N TYR C 127 -6.89 22.41 -10.70
CA TYR C 127 -7.25 23.80 -10.97
C TYR C 127 -6.23 24.35 -11.89
N HIS C 128 -4.96 23.99 -11.64
CA HIS C 128 -3.85 24.45 -12.47
C HIS C 128 -4.25 24.13 -13.90
N VAL C 129 -4.53 22.87 -14.18
CA VAL C 129 -4.96 22.51 -15.52
C VAL C 129 -6.18 23.29 -16.02
N ILE C 130 -7.26 23.32 -15.27
CA ILE C 130 -8.43 24.05 -15.74
C ILE C 130 -7.96 25.46 -16.17
N PHE C 131 -7.17 26.10 -15.31
CA PHE C 131 -6.73 27.45 -15.59
C PHE C 131 -5.77 27.61 -16.76
N LYS C 132 -4.73 26.77 -16.82
CA LYS C 132 -3.80 26.83 -17.94
C LYS C 132 -4.59 26.63 -19.25
N GLU C 133 -5.32 25.54 -19.35
CA GLU C 133 -6.12 25.21 -20.53
C GLU C 133 -7.16 26.26 -20.88
N GLY C 134 -7.63 26.99 -19.89
CA GLY C 134 -8.63 28.01 -20.16
C GLY C 134 -8.05 29.20 -20.88
N ASN C 135 -6.77 29.43 -20.62
CA ASN C 135 -6.00 30.52 -21.22
C ASN C 135 -5.86 30.27 -22.73
N LEU C 136 -5.36 29.08 -23.09
CA LEU C 136 -5.19 28.65 -24.47
C LEU C 136 -6.50 28.66 -25.28
N ASN C 137 -7.66 28.64 -24.61
CA ASN C 137 -8.94 28.65 -25.33
C ASN C 137 -9.51 30.05 -25.18
N GLY C 138 -8.69 30.95 -24.64
CA GLY C 138 -9.15 32.31 -24.44
C GLY C 138 -10.46 32.44 -23.71
N GLU C 139 -10.70 31.56 -22.73
CA GLU C 139 -11.93 31.65 -21.97
C GLU C 139 -11.72 32.79 -20.99
N TRP C 140 -10.45 32.95 -20.61
CA TRP C 140 -10.03 34.00 -19.70
C TRP C 140 -8.55 34.22 -19.92
N SER C 141 -7.96 35.18 -19.22
CA SER C 141 -6.53 35.45 -19.34
C SER C 141 -5.90 35.64 -17.96
N ILE C 142 -5.23 34.60 -17.45
CA ILE C 142 -4.61 34.70 -16.13
C ILE C 142 -3.10 34.67 -16.30
N ASN C 143 -2.44 35.71 -15.80
CA ASN C 143 -0.99 35.76 -15.93
C ASN C 143 -0.31 35.01 -14.77
N ASP C 144 -1.07 34.67 -13.73
CA ASP C 144 -0.55 33.99 -12.54
C ASP C 144 -1.26 32.67 -12.21
N VAL C 145 -1.36 31.79 -13.19
CA VAL C 145 -2.03 30.54 -13.00
C VAL C 145 -1.71 29.81 -11.71
N ASN C 146 -0.46 29.67 -11.33
CA ASN C 146 -0.20 29.00 -10.06
C ASN C 146 -0.86 29.67 -8.83
N ALA C 147 -1.03 30.97 -8.85
CA ALA C 147 -1.59 31.60 -7.68
C ALA C 147 -3.08 31.45 -7.69
N VAL C 148 -3.69 31.84 -8.81
CA VAL C 148 -5.11 31.72 -8.91
C VAL C 148 -5.49 30.29 -8.50
N SER C 149 -4.68 29.30 -8.88
CA SER C 149 -4.95 27.93 -8.49
C SER C 149 -4.91 27.73 -6.99
N LYS C 150 -3.87 28.17 -6.31
CA LYS C 150 -3.80 27.98 -4.87
C LYS C 150 -5.00 28.64 -4.19
N ILE C 151 -5.48 29.71 -4.79
CA ILE C 151 -6.60 30.42 -4.23
C ILE C 151 -7.91 29.61 -4.37
N ALA C 152 -8.30 29.26 -5.60
CA ALA C 152 -9.49 28.45 -5.88
C ALA C 152 -9.49 27.22 -4.94
N ALA C 153 -8.39 26.48 -4.98
CA ALA C 153 -8.24 25.31 -4.12
C ALA C 153 -8.67 25.64 -2.68
N ASN C 154 -7.98 26.57 -2.03
CA ASN C 154 -8.33 26.90 -0.64
C ASN C 154 -9.61 27.70 -0.44
N ALA C 155 -10.04 28.48 -1.41
CA ALA C 155 -11.29 29.18 -1.22
C ALA C 155 -12.38 28.11 -1.20
N VAL C 156 -12.30 27.20 -2.16
CA VAL C 156 -13.27 26.13 -2.25
C VAL C 156 -13.28 25.21 -1.02
N ASN C 157 -12.15 24.72 -0.52
CA ASN C 157 -12.24 23.85 0.66
C ASN C 157 -12.93 24.60 1.75
N GLY C 158 -12.69 25.91 1.81
CA GLY C 158 -13.32 26.70 2.84
C GLY C 158 -14.82 26.61 2.77
N ILE C 159 -15.38 26.82 1.58
CA ILE C 159 -16.81 26.74 1.42
C ILE C 159 -17.29 25.31 1.69
N VAL C 160 -16.51 24.32 1.29
CA VAL C 160 -16.88 22.95 1.55
C VAL C 160 -16.84 22.66 3.05
N THR C 161 -15.72 22.96 3.68
CA THR C 161 -15.50 22.71 5.08
C THR C 161 -16.23 23.55 6.11
N PHE C 162 -16.64 24.76 5.79
CA PHE C 162 -17.24 25.59 6.82
C PHE C 162 -18.70 25.94 6.56
N THR C 163 -19.40 25.16 5.77
CA THR C 163 -20.79 25.44 5.50
C THR C 163 -21.65 24.26 5.93
N HIS C 164 -21.03 23.24 6.52
CA HIS C 164 -21.74 22.03 6.92
C HIS C 164 -23.08 22.17 7.68
N GLU C 165 -23.35 23.33 8.26
CA GLU C 165 -24.62 23.50 9.00
C GLU C 165 -25.84 23.84 8.15
N GLN C 166 -25.65 24.15 6.88
CA GLN C 166 -26.77 24.47 6.03
C GLN C 166 -27.20 23.23 5.24
N ASN C 167 -28.48 23.19 4.82
CA ASN C 167 -29.00 22.06 4.04
C ASN C 167 -28.30 22.05 2.68
N ILE C 168 -28.06 20.86 2.18
CA ILE C 168 -27.34 20.63 0.94
C ILE C 168 -27.66 21.49 -0.30
N ASN C 169 -28.91 21.87 -0.52
CA ASN C 169 -29.16 22.66 -1.74
C ASN C 169 -28.59 24.03 -1.62
N GLU C 170 -28.70 24.58 -0.41
CA GLU C 170 -28.18 25.89 -0.10
C GLU C 170 -26.65 25.87 -0.32
N ARG C 171 -25.97 24.91 0.31
CA ARG C 171 -24.55 24.78 0.16
C ARG C 171 -24.19 24.75 -1.32
N ILE C 172 -24.93 24.00 -2.12
CA ILE C 172 -24.61 23.92 -3.54
C ILE C 172 -24.94 25.21 -4.27
N LYS C 173 -25.91 25.95 -3.76
CA LYS C 173 -26.34 27.22 -4.35
C LYS C 173 -25.19 28.21 -4.17
N LEU C 174 -24.63 28.22 -2.97
CA LEU C 174 -23.53 29.09 -2.63
C LEU C 174 -22.30 28.75 -3.41
N MET C 175 -21.95 27.48 -3.47
CA MET C 175 -20.78 27.06 -4.21
C MET C 175 -20.90 27.44 -5.67
N ASN C 176 -22.09 27.43 -6.23
CA ASN C 176 -22.19 27.80 -7.63
C ASN C 176 -22.10 29.29 -7.82
N LYS C 177 -22.64 30.04 -6.86
CA LYS C 177 -22.60 31.49 -6.87
C LYS C 177 -21.14 31.88 -6.77
N PHE C 178 -20.44 31.24 -5.86
CA PHE C 178 -19.03 31.51 -5.70
C PHE C 178 -18.26 31.25 -6.99
N SER C 179 -18.49 30.10 -7.62
CA SER C 179 -17.78 29.79 -8.86
C SER C 179 -18.07 30.85 -9.90
N GLN C 180 -19.26 31.42 -9.83
CA GLN C 180 -19.69 32.43 -10.78
C GLN C 180 -18.91 33.73 -10.59
N ILE C 181 -18.87 34.19 -9.35
CA ILE C 181 -18.14 35.39 -8.97
C ILE C 181 -16.64 35.20 -9.30
N PHE C 182 -16.00 34.23 -8.68
CA PHE C 182 -14.60 33.98 -8.97
C PHE C 182 -14.27 33.99 -10.48
N LEU C 183 -15.03 33.26 -11.28
CA LEU C 183 -14.75 33.21 -12.70
C LEU C 183 -14.96 34.57 -13.37
N ASN C 184 -15.83 35.36 -12.76
CA ASN C 184 -16.12 36.67 -13.30
C ASN C 184 -14.99 37.64 -13.03
N GLY C 185 -14.32 37.49 -11.89
CA GLY C 185 -13.24 38.38 -11.55
C GLY C 185 -11.94 38.09 -12.28
N LEU C 186 -11.98 37.28 -13.33
CA LEU C 186 -10.80 36.98 -14.09
C LEU C 186 -10.99 37.67 -15.43
N SER C 187 -12.21 38.15 -15.60
CA SER C 187 -12.62 38.87 -16.81
C SER C 187 -12.44 40.41 -16.68
N ASN D 2 13.63 -1.43 20.06
CA ASN D 2 13.57 -2.77 19.40
C ASN D 2 14.14 -2.67 17.98
N LEU D 3 15.32 -2.08 17.87
CA LEU D 3 15.96 -1.95 16.58
C LEU D 3 16.24 -3.37 16.13
N LYS D 4 16.41 -4.28 17.09
CA LYS D 4 16.66 -5.68 16.76
C LYS D 4 15.49 -6.18 15.90
N ASP D 5 14.28 -5.80 16.30
CA ASP D 5 13.08 -6.20 15.58
C ASP D 5 12.91 -5.54 14.23
N LYS D 6 13.25 -4.26 14.13
CA LYS D 6 13.13 -3.58 12.85
C LYS D 6 14.12 -4.24 11.89
N ILE D 7 15.32 -4.57 12.39
CA ILE D 7 16.34 -5.24 11.59
C ILE D 7 15.73 -6.54 11.05
N LEU D 8 15.30 -7.44 11.96
CA LEU D 8 14.70 -8.72 11.54
C LEU D 8 13.50 -8.56 10.58
N GLY D 9 12.57 -7.67 10.91
CA GLY D 9 11.44 -7.49 10.02
C GLY D 9 11.89 -7.06 8.62
N VAL D 10 12.71 -6.02 8.57
CA VAL D 10 13.21 -5.50 7.30
C VAL D 10 14.08 -6.55 6.57
N ALA D 11 14.95 -7.20 7.33
CA ALA D 11 15.83 -8.23 6.78
C ALA D 11 14.98 -9.26 6.04
N LYS D 12 14.00 -9.82 6.75
CA LYS D 12 13.11 -10.81 6.16
C LYS D 12 12.39 -10.33 4.89
N GLU D 13 11.84 -9.13 4.89
CA GLU D 13 11.16 -8.67 3.69
C GLU D 13 12.17 -8.52 2.57
N LEU D 14 13.33 -7.95 2.87
CA LEU D 14 14.37 -7.81 1.84
C LEU D 14 14.77 -9.19 1.32
N PHE D 15 15.03 -10.14 2.21
CA PHE D 15 15.37 -11.49 1.77
C PHE D 15 14.28 -12.11 0.89
N ILE D 16 13.01 -11.80 1.18
CA ILE D 16 11.90 -12.33 0.41
C ILE D 16 11.83 -11.66 -0.94
N LYS D 17 12.09 -10.37 -0.98
CA LYS D 17 12.01 -9.65 -2.25
C LYS D 17 13.22 -9.83 -3.18
N ASN D 18 14.40 -10.03 -2.59
CA ASN D 18 15.64 -10.16 -3.37
C ASN D 18 16.35 -11.50 -3.34
N GLY D 19 16.06 -12.35 -2.38
CA GLY D 19 16.75 -13.62 -2.33
C GLY D 19 17.91 -13.32 -1.41
N TYR D 20 18.70 -14.34 -1.12
CA TYR D 20 19.82 -14.15 -0.22
C TYR D 20 20.99 -13.31 -0.71
N ASN D 21 21.41 -13.48 -1.95
CA ASN D 21 22.59 -12.76 -2.42
C ASN D 21 22.42 -11.26 -2.64
N ALA D 22 21.32 -10.83 -3.24
CA ALA D 22 21.19 -9.40 -3.46
C ALA D 22 20.97 -8.60 -2.17
N THR D 23 20.45 -9.25 -1.15
CA THR D 23 20.20 -8.55 0.11
C THR D 23 21.51 -8.28 0.80
N THR D 24 21.87 -7.02 0.92
CA THR D 24 23.12 -6.68 1.58
C THR D 24 22.89 -6.11 2.97
N THR D 25 23.85 -6.34 3.87
CA THR D 25 23.79 -5.84 5.23
C THR D 25 23.59 -4.32 5.23
N GLY D 26 24.11 -3.66 4.20
CA GLY D 26 23.98 -2.21 4.10
C GLY D 26 22.54 -1.79 3.97
N GLU D 27 21.94 -2.28 2.87
CA GLU D 27 20.53 -2.08 2.49
C GLU D 27 19.59 -2.36 3.69
N ILE D 28 19.83 -3.46 4.40
CA ILE D 28 19.01 -3.77 5.52
C ILE D 28 19.02 -2.61 6.44
N VAL D 29 20.23 -2.19 6.80
CA VAL D 29 20.39 -1.07 7.75
C VAL D 29 19.87 0.30 7.28
N LYS D 30 19.84 0.51 5.98
CA LYS D 30 19.35 1.76 5.41
C LYS D 30 17.84 1.85 5.63
N LEU D 31 17.14 0.71 5.58
CA LEU D 31 15.69 0.66 5.75
C LEU D 31 15.23 0.43 7.18
N SER D 32 16.09 -0.09 8.02
CA SER D 32 15.69 -0.34 9.39
C SER D 32 16.07 0.86 10.23
N GLU D 33 16.54 1.91 9.54
CA GLU D 33 17.00 3.13 10.22
C GLU D 33 17.89 2.69 11.39
N SER D 34 19.08 2.24 11.02
CA SER D 34 20.05 1.74 11.96
C SER D 34 21.42 2.00 11.31
N SER D 35 22.43 1.31 11.82
CA SER D 35 23.82 1.41 11.33
C SER D 35 24.43 -0.01 11.20
N LYS D 36 25.36 -0.20 10.25
CA LYS D 36 26.00 -1.53 10.10
C LYS D 36 26.59 -1.91 11.45
N GLY D 37 27.00 -0.89 12.22
CA GLY D 37 27.58 -1.11 13.53
C GLY D 37 26.56 -1.77 14.43
N ASN D 38 25.44 -1.08 14.61
CA ASN D 38 24.35 -1.57 15.43
C ASN D 38 23.84 -2.96 14.98
N LEU D 39 23.79 -3.18 13.66
CA LEU D 39 23.33 -4.48 13.13
C LEU D 39 24.30 -5.57 13.45
N TYR D 40 25.56 -5.35 13.12
CA TYR D 40 26.61 -6.35 13.37
C TYR D 40 26.78 -6.69 14.82
N TYR D 41 26.28 -5.83 15.71
CA TYR D 41 26.35 -6.12 17.13
C TYR D 41 25.29 -7.14 17.56
N HIS D 42 24.02 -6.88 17.23
CA HIS D 42 22.90 -7.75 17.59
C HIS D 42 22.98 -9.14 16.94
N PHE D 43 23.54 -9.18 15.74
CA PHE D 43 23.69 -10.43 15.01
C PHE D 43 25.19 -10.50 14.66
N LYS D 44 25.78 -11.69 14.59
CA LYS D 44 27.21 -11.75 14.28
C LYS D 44 27.45 -11.40 12.83
N THR D 45 26.73 -12.09 11.96
CA THR D 45 26.90 -11.87 10.53
C THR D 45 25.61 -11.96 9.76
N LYS D 46 25.74 -11.79 8.47
CA LYS D 46 24.57 -11.84 7.60
C LYS D 46 23.98 -13.23 7.65
N GLU D 47 24.83 -14.22 7.51
CA GLU D 47 24.39 -15.59 7.50
C GLU D 47 23.79 -15.95 8.84
N ASN D 48 24.28 -15.34 9.89
CA ASN D 48 23.74 -15.67 11.21
C ASN D 48 22.36 -15.00 11.43
N LEU D 49 22.18 -13.81 10.86
CA LEU D 49 20.94 -13.08 10.94
C LEU D 49 19.93 -13.92 10.18
N PHE D 50 20.30 -14.32 8.97
CA PHE D 50 19.40 -15.10 8.14
C PHE D 50 18.96 -16.37 8.83
N LEU D 51 19.86 -16.99 9.59
CA LEU D 51 19.50 -18.21 10.27
C LEU D 51 18.49 -17.90 11.38
N GLU D 52 18.66 -16.76 12.04
CA GLU D 52 17.74 -16.39 13.10
C GLU D 52 16.34 -16.25 12.53
N ILE D 53 16.23 -15.57 11.38
CA ILE D 53 14.95 -15.39 10.73
C ILE D 53 14.31 -16.74 10.41
N LEU D 54 15.09 -17.67 9.86
CA LEU D 54 14.62 -19.02 9.51
C LEU D 54 14.05 -19.75 10.74
N ASN D 55 14.68 -19.56 11.90
CA ASN D 55 14.19 -20.18 13.13
C ASN D 55 12.83 -19.65 13.52
N ILE D 56 12.67 -18.33 13.47
CA ILE D 56 11.42 -17.69 13.80
C ILE D 56 10.36 -18.12 12.80
N GLU D 57 10.66 -18.08 11.51
CA GLU D 57 9.69 -18.50 10.50
C GLU D 57 9.16 -19.91 10.70
N GLU D 58 10.02 -20.89 10.93
CA GLU D 58 9.54 -22.25 11.10
C GLU D 58 8.73 -22.36 12.37
N SER D 59 9.24 -21.77 13.43
CA SER D 59 8.52 -21.82 14.68
C SER D 59 7.10 -21.24 14.55
N LYS D 60 6.97 -20.07 13.94
CA LYS D 60 5.66 -19.48 13.76
C LYS D 60 4.77 -20.47 13.00
N TRP D 61 5.30 -21.04 11.92
CA TRP D 61 4.58 -21.99 11.08
C TRP D 61 4.18 -23.22 11.84
N GLN D 62 5.08 -23.70 12.68
CA GLN D 62 4.89 -24.86 13.50
C GLN D 62 3.71 -24.62 14.45
N GLU D 63 3.71 -23.43 15.06
CA GLU D 63 2.65 -23.03 15.98
C GLU D 63 1.33 -22.80 15.24
N GLN D 64 1.38 -22.37 14.01
CA GLN D 64 0.14 -22.16 13.26
C GLN D 64 -0.49 -23.51 12.87
N TRP D 65 0.33 -24.47 12.46
CA TRP D 65 -0.14 -25.79 12.07
C TRP D 65 -0.70 -26.48 13.27
N LYS D 66 -0.13 -26.20 14.44
CA LYS D 66 -0.58 -26.80 15.67
C LYS D 66 -2.05 -26.41 15.91
N LYS D 67 -2.32 -25.11 15.89
CA LYS D 67 -3.66 -24.59 16.12
C LYS D 67 -4.59 -24.85 14.95
N GLU D 68 -4.04 -25.21 13.82
CA GLU D 68 -4.89 -25.38 12.67
C GLU D 68 -5.34 -26.78 12.41
N GLN D 69 -4.46 -27.75 12.65
CA GLN D 69 -4.77 -29.13 12.35
C GLN D 69 -5.99 -29.66 13.05
N ILE D 70 -6.36 -29.01 14.14
CA ILE D 70 -7.55 -29.44 14.86
C ILE D 70 -8.70 -29.45 13.86
N LYS D 71 -8.83 -28.41 13.05
CA LYS D 71 -9.90 -28.32 12.07
C LYS D 71 -10.05 -29.58 11.21
N CYS D 72 -9.07 -30.47 11.23
CA CYS D 72 -9.18 -31.69 10.43
C CYS D 72 -9.25 -32.98 11.29
N LYS D 73 -10.36 -33.70 11.15
CA LYS D 73 -10.62 -34.94 11.90
C LYS D 73 -9.62 -36.05 11.61
N THR D 74 -9.52 -36.39 10.33
CA THR D 74 -8.68 -37.49 9.86
C THR D 74 -7.43 -37.08 9.06
N ASN D 75 -6.37 -37.88 9.14
CA ASN D 75 -5.13 -37.59 8.41
C ASN D 75 -5.32 -37.42 6.92
N ARG D 76 -6.32 -38.03 6.30
CA ARG D 76 -6.51 -37.86 4.87
C ARG D 76 -6.78 -36.36 4.69
N GLU D 77 -7.47 -35.77 5.67
CA GLU D 77 -7.82 -34.35 5.65
C GLU D 77 -6.64 -33.47 6.06
N LYS D 78 -5.99 -33.78 7.19
CA LYS D 78 -4.85 -32.99 7.63
C LYS D 78 -3.88 -32.79 6.47
N PHE D 79 -3.75 -33.81 5.64
CA PHE D 79 -2.87 -33.71 4.49
C PHE D 79 -3.43 -32.63 3.54
N TYR D 80 -4.72 -32.76 3.17
CA TYR D 80 -5.38 -31.78 2.28
C TYR D 80 -5.22 -30.34 2.83
N LEU D 81 -5.47 -30.20 4.14
CA LEU D 81 -5.40 -28.95 4.87
C LEU D 81 -3.97 -28.42 4.87
N TYR D 82 -3.03 -29.17 5.42
CA TYR D 82 -1.63 -28.68 5.43
C TYR D 82 -1.19 -28.14 4.06
N ASN D 83 -1.40 -28.92 3.00
CA ASN D 83 -0.98 -28.45 1.70
C ASN D 83 -1.63 -27.14 1.28
N GLU D 84 -2.83 -26.86 1.81
CA GLU D 84 -3.49 -25.60 1.47
C GLU D 84 -2.89 -24.42 2.23
N LEU D 85 -2.70 -24.60 3.53
CA LEU D 85 -2.09 -23.54 4.31
C LEU D 85 -0.79 -23.20 3.60
N SER D 86 0.00 -24.20 3.20
CA SER D 86 1.26 -23.92 2.51
C SER D 86 1.12 -22.87 1.42
N LEU D 87 -0.07 -22.78 0.82
CA LEU D 87 -0.34 -21.80 -0.25
C LEU D 87 -0.58 -20.39 0.26
N THR D 88 -1.16 -20.28 1.44
CA THR D 88 -1.52 -18.99 1.96
C THR D 88 -0.63 -18.49 3.08
N THR D 89 -0.19 -19.36 3.98
CA THR D 89 0.66 -18.94 5.10
C THR D 89 1.71 -17.93 4.66
N GLU D 90 2.01 -16.99 5.55
CA GLU D 90 3.00 -15.98 5.26
C GLU D 90 4.32 -16.42 5.87
N TYR D 91 4.33 -17.61 6.46
CA TYR D 91 5.54 -18.11 7.09
C TYR D 91 6.31 -19.14 6.29
N TYR D 92 7.62 -19.03 6.40
CA TYR D 92 8.52 -19.94 5.75
C TYR D 92 8.43 -20.09 4.23
N TYR D 93 7.28 -20.44 3.68
CA TYR D 93 7.22 -20.63 2.24
C TYR D 93 7.63 -19.45 1.37
N PRO D 94 7.35 -18.21 1.80
CA PRO D 94 7.76 -17.10 0.93
C PRO D 94 9.31 -16.94 0.82
N LEU D 95 10.05 -17.46 1.79
CA LEU D 95 11.51 -17.40 1.83
C LEU D 95 12.21 -18.57 1.14
N GLN D 96 11.58 -19.26 0.19
CA GLN D 96 12.25 -20.40 -0.43
C GLN D 96 13.46 -19.99 -1.19
N ASN D 97 13.27 -19.01 -2.05
CA ASN D 97 14.35 -18.50 -2.85
C ASN D 97 15.61 -18.27 -2.05
N ALA D 98 15.55 -17.35 -1.09
CA ALA D 98 16.71 -17.07 -0.27
C ALA D 98 17.16 -18.33 0.46
N ILE D 99 16.29 -19.33 0.61
CA ILE D 99 16.70 -20.55 1.30
C ILE D 99 17.49 -21.49 0.41
N ILE D 100 17.13 -21.65 -0.87
CA ILE D 100 17.92 -22.57 -1.68
C ILE D 100 19.25 -21.88 -1.96
N GLU D 101 19.20 -20.55 -2.17
CA GLU D 101 20.39 -19.73 -2.40
C GLU D 101 21.33 -19.90 -1.20
N PHE D 102 20.82 -19.64 0.00
CA PHE D 102 21.63 -19.77 1.22
C PHE D 102 22.15 -21.19 1.44
N TYR D 103 21.39 -22.19 0.99
CA TYR D 103 21.80 -23.57 1.19
C TYR D 103 22.93 -23.91 0.26
N THR D 104 22.80 -23.64 -1.02
CA THR D 104 23.89 -23.97 -1.89
C THR D 104 25.17 -23.24 -1.41
N GLU D 105 25.04 -21.96 -1.06
CA GLU D 105 26.20 -21.20 -0.62
C GLU D 105 26.85 -21.65 0.69
N TYR D 106 26.10 -22.23 1.62
CA TYR D 106 26.73 -22.62 2.89
C TYR D 106 26.56 -24.09 3.27
N TYR D 107 26.27 -24.99 2.32
CA TYR D 107 26.06 -26.39 2.71
C TYR D 107 27.34 -27.14 2.95
N LYS D 108 28.40 -26.38 3.16
CA LYS D 108 29.69 -26.96 3.45
C LYS D 108 30.14 -26.60 4.86
N THR D 109 29.65 -25.49 5.41
CA THR D 109 30.04 -25.10 6.77
C THR D 109 29.55 -26.13 7.77
N ASN D 110 30.36 -26.36 8.80
CA ASN D 110 30.05 -27.34 9.82
C ASN D 110 28.70 -27.10 10.51
N SER D 111 28.72 -26.25 11.53
CA SER D 111 27.52 -25.94 12.31
C SER D 111 26.34 -25.52 11.45
N ILE D 112 26.57 -24.62 10.49
CA ILE D 112 25.49 -24.16 9.63
C ILE D 112 24.75 -25.35 9.04
N ASN D 113 25.40 -26.14 8.20
CA ASN D 113 24.78 -27.30 7.57
C ASN D 113 23.96 -28.20 8.53
N GLU D 114 24.36 -28.27 9.80
CA GLU D 114 23.66 -29.08 10.81
C GLU D 114 22.48 -28.32 11.40
N LYS D 115 22.73 -27.08 11.79
CA LYS D 115 21.69 -26.24 12.34
C LYS D 115 20.57 -26.19 11.28
N MET D 116 20.97 -26.27 10.02
CA MET D 116 20.09 -26.23 8.84
C MET D 116 19.33 -27.53 8.58
N ASN D 117 19.92 -28.66 8.95
CA ASN D 117 19.25 -29.95 8.75
C ASN D 117 18.24 -30.10 9.85
N LYS D 118 18.57 -29.64 11.04
CA LYS D 118 17.62 -29.72 12.14
C LYS D 118 16.38 -28.95 11.68
N LEU D 119 16.60 -27.91 10.89
CA LEU D 119 15.51 -27.10 10.33
C LEU D 119 14.75 -27.90 9.28
N GLU D 120 15.46 -28.32 8.24
CA GLU D 120 14.87 -29.08 7.15
C GLU D 120 14.07 -30.27 7.67
N ASN D 121 14.43 -30.74 8.85
CA ASN D 121 13.73 -31.89 9.44
C ASN D 121 12.38 -31.49 10.01
N LYS D 122 12.32 -30.35 10.70
CA LYS D 122 11.06 -29.88 11.27
C LYS D 122 10.01 -29.68 10.15
N TYR D 123 10.46 -29.22 8.98
CA TYR D 123 9.54 -29.06 7.89
C TYR D 123 9.03 -30.39 7.36
N ILE D 124 9.90 -31.38 7.20
CA ILE D 124 9.45 -32.67 6.70
C ILE D 124 8.67 -33.47 7.72
N ASP D 125 8.89 -33.18 8.99
CA ASP D 125 8.21 -33.91 10.05
C ASP D 125 6.69 -33.75 10.03
N ALA D 126 6.20 -32.56 9.72
CA ALA D 126 4.76 -32.37 9.70
C ALA D 126 4.17 -33.45 8.84
N TYR D 127 4.84 -33.74 7.72
CA TYR D 127 4.38 -34.78 6.80
C TYR D 127 4.62 -36.14 7.38
N HIS D 128 5.72 -36.28 8.09
CA HIS D 128 6.06 -37.54 8.70
C HIS D 128 4.90 -37.97 9.60
N VAL D 129 4.53 -37.12 10.54
CA VAL D 129 3.42 -37.39 11.48
C VAL D 129 2.06 -37.68 10.85
N ILE D 130 1.68 -36.92 9.84
CA ILE D 130 0.40 -37.16 9.19
C ILE D 130 0.39 -38.57 8.58
N PHE D 131 1.49 -38.94 7.93
CA PHE D 131 1.65 -40.23 7.29
C PHE D 131 1.75 -41.42 8.24
N LYS D 132 2.35 -41.23 9.41
CA LYS D 132 2.47 -42.30 10.39
C LYS D 132 1.13 -42.54 11.06
N GLU D 133 0.56 -41.47 11.62
CA GLU D 133 -0.71 -41.55 12.31
C GLU D 133 -1.76 -42.18 11.44
N GLY D 134 -1.61 -42.02 10.12
CA GLY D 134 -2.57 -42.58 9.20
C GLY D 134 -2.33 -44.04 8.92
N ASN D 135 -1.09 -44.46 9.14
CA ASN D 135 -0.71 -45.86 8.94
C ASN D 135 -1.48 -46.68 9.96
N LEU D 136 -1.30 -46.33 11.23
CA LEU D 136 -1.97 -47.03 12.31
C LEU D 136 -3.37 -46.49 12.52
N ASN D 137 -4.10 -46.39 11.42
CA ASN D 137 -5.47 -45.88 11.44
C ASN D 137 -6.16 -46.32 10.15
N GLY D 138 -5.47 -47.20 9.43
CA GLY D 138 -6.02 -47.75 8.20
C GLY D 138 -6.44 -46.75 7.17
N GLU D 139 -5.80 -45.59 7.19
CA GLU D 139 -6.10 -44.55 6.23
C GLU D 139 -5.31 -44.94 4.98
N TRP D 140 -4.23 -45.65 5.18
CA TRP D 140 -3.37 -46.08 4.08
C TRP D 140 -2.25 -46.90 4.69
N SER D 141 -1.42 -47.49 3.82
CA SER D 141 -0.28 -48.26 4.29
C SER D 141 0.92 -47.80 3.49
N ILE D 142 1.90 -47.21 4.19
CA ILE D 142 3.09 -46.68 3.55
C ILE D 142 4.36 -47.44 3.86
N ASN D 143 4.98 -47.99 2.81
CA ASN D 143 6.25 -48.70 2.92
C ASN D 143 7.19 -47.89 3.81
N ASP D 144 7.82 -46.83 3.27
CA ASP D 144 8.71 -45.95 4.07
C ASP D 144 8.16 -44.53 4.18
N VAL D 145 7.72 -44.19 5.39
CA VAL D 145 7.15 -42.90 5.68
C VAL D 145 8.15 -41.81 5.40
N ASN D 146 9.37 -41.93 5.92
CA ASN D 146 10.35 -40.88 5.71
C ASN D 146 10.56 -40.54 4.22
N ALA D 147 10.55 -41.56 3.37
CA ALA D 147 10.73 -41.30 1.96
C ALA D 147 9.54 -40.52 1.42
N VAL D 148 8.34 -41.03 1.61
CA VAL D 148 7.18 -40.32 1.11
C VAL D 148 7.03 -38.90 1.75
N SER D 149 7.46 -38.72 3.00
CA SER D 149 7.37 -37.41 3.65
C SER D 149 8.16 -36.36 2.88
N LYS D 150 9.40 -36.68 2.50
CA LYS D 150 10.22 -35.76 1.74
C LYS D 150 9.54 -35.54 0.38
N ILE D 151 9.12 -36.62 -0.26
CA ILE D 151 8.48 -36.49 -1.56
C ILE D 151 7.35 -35.46 -1.54
N ALA D 152 6.44 -35.57 -0.57
CA ALA D 152 5.30 -34.67 -0.50
C ALA D 152 5.74 -33.26 -0.20
N ALA D 153 6.61 -33.12 0.79
CA ALA D 153 7.08 -31.80 1.15
C ALA D 153 7.70 -31.05 -0.04
N ASN D 154 8.52 -31.70 -0.84
CA ASN D 154 9.10 -30.97 -1.93
C ASN D 154 8.18 -30.80 -3.08
N ALA D 155 7.21 -31.68 -3.26
CA ALA D 155 6.31 -31.53 -4.39
C ALA D 155 5.36 -30.41 -4.06
N VAL D 156 4.86 -30.40 -2.84
CA VAL D 156 3.95 -29.34 -2.44
C VAL D 156 4.73 -28.02 -2.54
N ASN D 157 5.92 -28.00 -1.99
CA ASN D 157 6.75 -26.82 -2.04
C ASN D 157 6.94 -26.30 -3.48
N GLY D 158 6.88 -27.18 -4.46
CA GLY D 158 7.04 -26.72 -5.82
C GLY D 158 5.75 -26.16 -6.35
N ILE D 159 4.61 -26.67 -5.89
CA ILE D 159 3.32 -26.17 -6.32
C ILE D 159 3.19 -24.76 -5.75
N VAL D 160 3.56 -24.63 -4.49
CA VAL D 160 3.50 -23.37 -3.80
C VAL D 160 4.36 -22.32 -4.47
N THR D 161 5.67 -22.56 -4.57
CA THR D 161 6.55 -21.58 -5.17
C THR D 161 6.66 -21.46 -6.70
N PHE D 162 5.88 -22.22 -7.47
CA PHE D 162 5.97 -22.10 -8.92
C PHE D 162 4.63 -21.74 -9.54
N THR D 163 3.73 -21.26 -8.71
CA THR D 163 2.43 -20.80 -9.18
C THR D 163 2.11 -19.55 -8.34
N HIS D 164 3.16 -18.90 -7.82
CA HIS D 164 2.98 -17.70 -6.99
C HIS D 164 2.37 -16.58 -7.81
N GLU D 165 2.15 -16.83 -9.10
CA GLU D 165 1.54 -15.83 -9.99
C GLU D 165 -0.01 -15.95 -9.95
N GLN D 166 -0.54 -17.06 -10.47
CA GLN D 166 -1.98 -17.30 -10.52
C GLN D 166 -2.79 -16.86 -9.30
N ASN D 167 -4.09 -16.70 -9.48
CA ASN D 167 -4.94 -16.27 -8.37
C ASN D 167 -5.13 -17.34 -7.30
N ILE D 168 -5.03 -16.94 -6.05
CA ILE D 168 -5.13 -17.87 -4.94
C ILE D 168 -6.26 -18.87 -5.02
N ASN D 169 -7.30 -18.53 -5.75
CA ASN D 169 -8.42 -19.46 -5.83
C ASN D 169 -8.20 -20.62 -6.79
N GLU D 170 -7.39 -20.40 -7.81
CA GLU D 170 -7.10 -21.46 -8.77
C GLU D 170 -5.93 -22.28 -8.21
N ARG D 171 -5.06 -21.58 -7.47
CA ARG D 171 -3.93 -22.22 -6.84
C ARG D 171 -4.44 -23.28 -5.88
N ILE D 172 -5.48 -22.96 -5.13
CA ILE D 172 -5.99 -23.90 -4.19
C ILE D 172 -6.66 -25.06 -4.91
N LYS D 173 -7.07 -24.86 -6.15
CA LYS D 173 -7.71 -25.95 -6.87
C LYS D 173 -6.66 -26.95 -7.35
N LEU D 174 -5.56 -26.45 -7.91
CA LEU D 174 -4.49 -27.33 -8.34
C LEU D 174 -3.96 -28.10 -7.12
N MET D 175 -3.78 -27.44 -5.99
CA MET D 175 -3.30 -28.08 -4.78
C MET D 175 -4.24 -29.17 -4.27
N ASN D 176 -5.55 -29.03 -4.50
CA ASN D 176 -6.48 -30.05 -4.03
C ASN D 176 -6.44 -31.24 -4.96
N LYS D 177 -6.37 -30.99 -6.27
CA LYS D 177 -6.30 -32.10 -7.20
C LYS D 177 -5.01 -32.84 -6.90
N PHE D 178 -3.93 -32.10 -6.68
CA PHE D 178 -2.68 -32.78 -6.36
C PHE D 178 -2.92 -33.60 -5.10
N SER D 179 -3.24 -32.94 -4.00
CA SER D 179 -3.45 -33.67 -2.76
C SER D 179 -4.27 -34.94 -2.95
N GLN D 180 -5.23 -34.86 -3.87
CA GLN D 180 -6.10 -36.00 -4.16
C GLN D 180 -5.25 -37.00 -4.94
N ILE D 181 -4.98 -36.71 -6.21
CA ILE D 181 -4.14 -37.57 -7.04
C ILE D 181 -3.08 -38.28 -6.17
N PHE D 182 -2.32 -37.50 -5.41
CA PHE D 182 -1.26 -38.06 -4.57
C PHE D 182 -1.77 -39.01 -3.49
N LEU D 183 -2.85 -38.66 -2.81
CA LEU D 183 -3.33 -39.53 -1.74
C LEU D 183 -3.81 -40.83 -2.34
N ASN D 184 -4.53 -40.72 -3.43
CA ASN D 184 -5.06 -41.88 -4.09
C ASN D 184 -3.92 -42.88 -4.32
N GLY D 185 -2.79 -42.40 -4.83
CA GLY D 185 -1.63 -43.23 -5.10
C GLY D 185 -1.07 -44.10 -3.98
N LEU D 186 -1.64 -43.99 -2.79
CA LEU D 186 -1.21 -44.81 -1.67
C LEU D 186 -2.28 -45.91 -1.46
N SER D 187 -1.88 -47.18 -1.57
CA SER D 187 -2.84 -48.29 -1.40
C SER D 187 -2.97 -48.69 0.09
C1 ET E . -6.75 20.49 8.78
C2 ET E . -5.65 20.89 9.47
C3 ET E . -4.49 21.27 8.83
C4 ET E . -4.42 21.23 7.49
N5 ET E . -5.43 20.77 5.28
C6 ET E . -6.68 20.31 4.42
C7 ET E . -9.02 19.53 4.39
C8 ET E . -10.20 19.15 5.00
C9 ET E . -10.27 19.18 6.43
C10 ET E . -9.18 19.58 7.20
C11 ET E . -7.84 19.95 5.17
C12 ET E . -7.91 19.99 6.58
C13 ET E . -6.75 20.42 7.34
C14 ET E . -5.55 20.81 6.70
C15 ET E . -6.57 20.28 2.90
C16 ET E . -6.68 21.53 2.14
C17 ET E . -6.59 21.55 0.75
C18 ET E . -6.41 20.37 0.02
C19 ET E . -6.29 19.14 0.70
C20 ET E . -6.38 19.10 2.09
C21 ET E . -4.12 21.16 4.53
C22 ET E . -3.77 22.63 4.45
N23 ET E . -3.41 21.68 9.55
N24 ET E . -11.32 18.76 4.25
C1 PRL F . -11.61 11.93 -2.51
C2 PRL F . -12.97 12.26 -2.53
C3 PRL F . -13.45 13.26 -1.70
C4 PRL F . -12.61 13.92 -0.84
C5 PRL F . -8.32 14.70 1.02
C6 PRL F . -6.97 14.43 1.10
C7 PRL F . -6.42 13.45 0.29
C8 PRL F . -7.21 12.74 -0.61
C9 PRL F . -9.40 12.30 -1.59
N10 PRL F . -10.46 14.28 0.07
C11 PRL F . -11.28 13.60 -0.80
C12 PRL F . -8.56 12.99 -0.69
C13 PRL F . -10.76 12.59 -1.65
C14 PRL F . -9.10 14.00 0.13
N15 PRL F . -14.75 13.62 -1.68
N16 PRL F . -6.23 15.14 1.99
#